data_8JVP
# 
_entry.id   8JVP 
# 
_audit_conform.dict_name       mmcif_pdbx.dic 
_audit_conform.dict_version    5.395 
_audit_conform.dict_location   http://mmcif.pdb.org/dictionaries/ascii/mmcif_pdbx.dic 
# 
loop_
_database_2.database_id 
_database_2.database_code 
_database_2.pdbx_database_accession 
_database_2.pdbx_DOI 
PDB   8JVP         pdb_00008jvp 10.2210/pdb8jvp/pdb 
WWPDB D_1300038719 ?            ?                   
# 
loop_
_pdbx_audit_revision_history.ordinal 
_pdbx_audit_revision_history.data_content_type 
_pdbx_audit_revision_history.major_revision 
_pdbx_audit_revision_history.minor_revision 
_pdbx_audit_revision_history.revision_date 
1 'Structure model' 1 0 2024-07-03 
2 'Structure model' 1 1 2024-08-07 
# 
_pdbx_audit_revision_details.ordinal             1 
_pdbx_audit_revision_details.revision_ordinal    1 
_pdbx_audit_revision_details.data_content_type   'Structure model' 
_pdbx_audit_revision_details.provider            repository 
_pdbx_audit_revision_details.type                'Initial release' 
_pdbx_audit_revision_details.description         ? 
_pdbx_audit_revision_details.details             ? 
# 
_pdbx_audit_revision_group.ordinal             1 
_pdbx_audit_revision_group.revision_ordinal    2 
_pdbx_audit_revision_group.data_content_type   'Structure model' 
_pdbx_audit_revision_group.group               'Database references' 
# 
loop_
_pdbx_audit_revision_category.ordinal 
_pdbx_audit_revision_category.revision_ordinal 
_pdbx_audit_revision_category.data_content_type 
_pdbx_audit_revision_category.category 
1 2 'Structure model' citation        
2 2 'Structure model' citation_author 
# 
loop_
_pdbx_audit_revision_item.ordinal 
_pdbx_audit_revision_item.revision_ordinal 
_pdbx_audit_revision_item.data_content_type 
_pdbx_audit_revision_item.item 
1  2 'Structure model' '_citation.country'                 
2  2 'Structure model' '_citation.journal_abbrev'          
3  2 'Structure model' '_citation.journal_id_CSD'          
4  2 'Structure model' '_citation.journal_id_ISSN'         
5  2 'Structure model' '_citation.journal_volume'          
6  2 'Structure model' '_citation.page_first'              
7  2 'Structure model' '_citation.page_last'               
8  2 'Structure model' '_citation.pdbx_database_id_DOI'    
9  2 'Structure model' '_citation.pdbx_database_id_PubMed' 
10 2 'Structure model' '_citation.title'                   
11 2 'Structure model' '_citation.year'                    
12 2 'Structure model' '_citation_author.identifier_ORCID' 
# 
_pdbx_database_status.status_code                     REL 
_pdbx_database_status.status_code_sf                  REL 
_pdbx_database_status.status_code_mr                  ? 
_pdbx_database_status.entry_id                        8JVP 
_pdbx_database_status.recvd_initial_deposition_date   2023-06-28 
_pdbx_database_status.SG_entry                        N 
_pdbx_database_status.deposit_site                    PDBJ 
_pdbx_database_status.process_site                    PDBJ 
_pdbx_database_status.status_code_cs                  ? 
_pdbx_database_status.status_code_nmr_data            ? 
_pdbx_database_status.methods_development_category    ? 
_pdbx_database_status.pdb_format_compatible           Y 
# 
_pdbx_contact_author.id                 2 
_pdbx_contact_author.email              shunsuke.tagami@riken.jp 
_pdbx_contact_author.name_first         Shunsuke 
_pdbx_contact_author.name_last          Tagami 
_pdbx_contact_author.name_mi            ? 
_pdbx_contact_author.role               'principal investigator/group leader' 
_pdbx_contact_author.identifier_ORCID   0000-0002-1720-3627 
# 
loop_
_audit_author.name 
_audit_author.pdbx_ordinal 
_audit_author.identifier_ORCID 
'Yagi, S.'   1 ? 
'Tagami, S.' 2 ? 
# 
_citation.abstract                  ? 
_citation.abstract_id_CAS           ? 
_citation.book_id_ISBN              ? 
_citation.book_publisher            ? 
_citation.book_publisher_city       ? 
_citation.book_title                ? 
_citation.coordinate_linkage        ? 
_citation.country                   UK 
_citation.database_id_Medline       ? 
_citation.details                   ? 
_citation.id                        primary 
_citation.journal_abbrev            'Nat Commun' 
_citation.journal_id_ASTM           ? 
_citation.journal_id_CSD            ? 
_citation.journal_id_ISSN           2041-1723 
_citation.journal_full              ? 
_citation.journal_issue             ? 
_citation.journal_volume            15 
_citation.language                  ? 
_citation.page_first                5938 
_citation.page_last                 5938 
_citation.title                     
'An ancestral fold reveals the evolutionary link between RNA polymerase and ribosomal proteins.' 
_citation.year                      2024 
_citation.database_id_CSD           ? 
_citation.pdbx_database_id_DOI      10.1038/s41467-024-50013-9 
_citation.pdbx_database_id_PubMed   39025855 
_citation.pdbx_database_id_patent   ? 
_citation.unpublished_flag          ? 
# 
loop_
_citation_author.citation_id 
_citation_author.name 
_citation_author.ordinal 
_citation_author.identifier_ORCID 
primary 'Yagi, S.'   1 0000-0002-7117-3318 
primary 'Tagami, S.' 2 0000-0002-1720-3627 
# 
loop_
_entity.id 
_entity.type 
_entity.src_method 
_entity.pdbx_description 
_entity.formula_weight 
_entity.pdbx_number_of_molecules 
_entity.pdbx_ec 
_entity.pdbx_mutation 
_entity.pdbx_fragment 
_entity.details 
1 polymer     man Ph1           5138.210 1  ? ? ? ? 
2 non-polymer syn 'SULFATE ION' 96.063   1  ? ? ? ? 
3 water       nat water         18.015   47 ? ? ? ? 
# 
_entity_poly.entity_id                      1 
_entity_poly.type                           'polypeptide(L)' 
_entity_poly.nstd_linkage                   no 
_entity_poly.nstd_monomer                   no 
_entity_poly.pdbx_seq_one_letter_code       GPMPGKKFVARVAEARAEDVGKRVVIIPKAERAKVGIKVGDVVEVKKV 
_entity_poly.pdbx_seq_one_letter_code_can   GPMPGKKFVARVAEARAEDVGKRVVIIPKAERAKVGIKVGDVVEVKKV 
_entity_poly.pdbx_strand_id                 A 
_entity_poly.pdbx_target_identifier         ? 
# 
loop_
_pdbx_entity_nonpoly.entity_id 
_pdbx_entity_nonpoly.name 
_pdbx_entity_nonpoly.comp_id 
2 'SULFATE ION' SO4 
3 water         HOH 
# 
loop_
_entity_poly_seq.entity_id 
_entity_poly_seq.num 
_entity_poly_seq.mon_id 
_entity_poly_seq.hetero 
1 1  GLY n 
1 2  PRO n 
1 3  MET n 
1 4  PRO n 
1 5  GLY n 
1 6  LYS n 
1 7  LYS n 
1 8  PHE n 
1 9  VAL n 
1 10 ALA n 
1 11 ARG n 
1 12 VAL n 
1 13 ALA n 
1 14 GLU n 
1 15 ALA n 
1 16 ARG n 
1 17 ALA n 
1 18 GLU n 
1 19 ASP n 
1 20 VAL n 
1 21 GLY n 
1 22 LYS n 
1 23 ARG n 
1 24 VAL n 
1 25 VAL n 
1 26 ILE n 
1 27 ILE n 
1 28 PRO n 
1 29 LYS n 
1 30 ALA n 
1 31 GLU n 
1 32 ARG n 
1 33 ALA n 
1 34 LYS n 
1 35 VAL n 
1 36 GLY n 
1 37 ILE n 
1 38 LYS n 
1 39 VAL n 
1 40 GLY n 
1 41 ASP n 
1 42 VAL n 
1 43 VAL n 
1 44 GLU n 
1 45 VAL n 
1 46 LYS n 
1 47 LYS n 
1 48 VAL n 
# 
_entity_src_gen.entity_id                          1 
_entity_src_gen.pdbx_src_id                        1 
_entity_src_gen.pdbx_alt_source_flag               sample 
_entity_src_gen.pdbx_seq_type                      'Biological sequence' 
_entity_src_gen.pdbx_beg_seq_num                   1 
_entity_src_gen.pdbx_end_seq_num                   48 
_entity_src_gen.gene_src_common_name               ? 
_entity_src_gen.gene_src_genus                     ? 
_entity_src_gen.pdbx_gene_src_gene                 ? 
_entity_src_gen.gene_src_species                   ? 
_entity_src_gen.gene_src_strain                    ? 
_entity_src_gen.gene_src_tissue                    ? 
_entity_src_gen.gene_src_tissue_fraction           ? 
_entity_src_gen.gene_src_details                   ? 
_entity_src_gen.pdbx_gene_src_fragment             ? 
_entity_src_gen.pdbx_gene_src_scientific_name      'synthetic construct' 
_entity_src_gen.pdbx_gene_src_ncbi_taxonomy_id     32630 
_entity_src_gen.pdbx_gene_src_variant              ? 
_entity_src_gen.pdbx_gene_src_cell_line            ? 
_entity_src_gen.pdbx_gene_src_atcc                 ? 
_entity_src_gen.pdbx_gene_src_organ                ? 
_entity_src_gen.pdbx_gene_src_organelle            ? 
_entity_src_gen.pdbx_gene_src_cell                 ? 
_entity_src_gen.pdbx_gene_src_cellular_location    ? 
_entity_src_gen.host_org_common_name               ? 
_entity_src_gen.pdbx_host_org_scientific_name      'Escherichia coli BL21(DE3)' 
_entity_src_gen.pdbx_host_org_ncbi_taxonomy_id     469008 
_entity_src_gen.host_org_genus                     ? 
_entity_src_gen.pdbx_host_org_gene                 ? 
_entity_src_gen.pdbx_host_org_organ                ? 
_entity_src_gen.host_org_species                   ? 
_entity_src_gen.pdbx_host_org_tissue               ? 
_entity_src_gen.pdbx_host_org_tissue_fraction      ? 
_entity_src_gen.pdbx_host_org_strain               ? 
_entity_src_gen.pdbx_host_org_variant              ? 
_entity_src_gen.pdbx_host_org_cell_line            ? 
_entity_src_gen.pdbx_host_org_atcc                 ? 
_entity_src_gen.pdbx_host_org_culture_collection   ? 
_entity_src_gen.pdbx_host_org_cell                 ? 
_entity_src_gen.pdbx_host_org_organelle            ? 
_entity_src_gen.pdbx_host_org_cellular_location    ? 
_entity_src_gen.pdbx_host_org_vector_type          ? 
_entity_src_gen.pdbx_host_org_vector               ? 
_entity_src_gen.host_org_details                   ? 
_entity_src_gen.expression_system_id               ? 
_entity_src_gen.plasmid_name                       ? 
_entity_src_gen.plasmid_details                    ? 
_entity_src_gen.pdbx_description                   ? 
# 
loop_
_chem_comp.id 
_chem_comp.type 
_chem_comp.mon_nstd_flag 
_chem_comp.name 
_chem_comp.pdbx_synonyms 
_chem_comp.formula 
_chem_comp.formula_weight 
ALA 'L-peptide linking' y ALANINE         ? 'C3 H7 N O2'     89.093  
ARG 'L-peptide linking' y ARGININE        ? 'C6 H15 N4 O2 1' 175.209 
ASP 'L-peptide linking' y 'ASPARTIC ACID' ? 'C4 H7 N O4'     133.103 
GLU 'L-peptide linking' y 'GLUTAMIC ACID' ? 'C5 H9 N O4'     147.129 
GLY 'peptide linking'   y GLYCINE         ? 'C2 H5 N O2'     75.067  
HOH non-polymer         . WATER           ? 'H2 O'           18.015  
ILE 'L-peptide linking' y ISOLEUCINE      ? 'C6 H13 N O2'    131.173 
LYS 'L-peptide linking' y LYSINE          ? 'C6 H15 N2 O2 1' 147.195 
MET 'L-peptide linking' y METHIONINE      ? 'C5 H11 N O2 S'  149.211 
PHE 'L-peptide linking' y PHENYLALANINE   ? 'C9 H11 N O2'    165.189 
PRO 'L-peptide linking' y PROLINE         ? 'C5 H9 N O2'     115.130 
SO4 non-polymer         . 'SULFATE ION'   ? 'O4 S -2'        96.063  
VAL 'L-peptide linking' y VALINE          ? 'C5 H11 N O2'    117.146 
# 
loop_
_pdbx_poly_seq_scheme.asym_id 
_pdbx_poly_seq_scheme.entity_id 
_pdbx_poly_seq_scheme.seq_id 
_pdbx_poly_seq_scheme.mon_id 
_pdbx_poly_seq_scheme.ndb_seq_num 
_pdbx_poly_seq_scheme.pdb_seq_num 
_pdbx_poly_seq_scheme.auth_seq_num 
_pdbx_poly_seq_scheme.pdb_mon_id 
_pdbx_poly_seq_scheme.auth_mon_id 
_pdbx_poly_seq_scheme.pdb_strand_id 
_pdbx_poly_seq_scheme.pdb_ins_code 
_pdbx_poly_seq_scheme.hetero 
A 1 1  GLY 1  1  1  GLY GLY A . n 
A 1 2  PRO 2  2  2  PRO PRO A . n 
A 1 3  MET 3  3  3  MET MET A . n 
A 1 4  PRO 4  4  4  PRO PRO A . n 
A 1 5  GLY 5  5  5  GLY GLY A . n 
A 1 6  LYS 6  6  6  LYS LYS A . n 
A 1 7  LYS 7  7  7  LYS LYS A . n 
A 1 8  PHE 8  8  8  PHE PHE A . n 
A 1 9  VAL 9  9  9  VAL VAL A . n 
A 1 10 ALA 10 10 10 ALA ALA A . n 
A 1 11 ARG 11 11 11 ARG ARG A . n 
A 1 12 VAL 12 12 12 VAL VAL A . n 
A 1 13 ALA 13 13 13 ALA ALA A . n 
A 1 14 GLU 14 14 14 GLU GLU A . n 
A 1 15 ALA 15 15 15 ALA ALA A . n 
A 1 16 ARG 16 16 16 ARG ARG A . n 
A 1 17 ALA 17 17 17 ALA ALA A . n 
A 1 18 GLU 18 18 18 GLU GLU A . n 
A 1 19 ASP 19 19 19 ASP ASP A . n 
A 1 20 VAL 20 20 20 VAL VAL A . n 
A 1 21 GLY 21 21 21 GLY GLY A . n 
A 1 22 LYS 22 22 22 LYS LYS A . n 
A 1 23 ARG 23 23 23 ARG ARG A . n 
A 1 24 VAL 24 24 24 VAL VAL A . n 
A 1 25 VAL 25 25 25 VAL VAL A . n 
A 1 26 ILE 26 26 26 ILE ILE A . n 
A 1 27 ILE 27 27 27 ILE ILE A . n 
A 1 28 PRO 28 28 28 PRO PRO A . n 
A 1 29 LYS 29 29 29 LYS LYS A . n 
A 1 30 ALA 30 30 30 ALA ALA A . n 
A 1 31 GLU 31 31 31 GLU GLU A . n 
A 1 32 ARG 32 32 32 ARG ARG A . n 
A 1 33 ALA 33 33 33 ALA ALA A . n 
A 1 34 LYS 34 34 34 LYS LYS A . n 
A 1 35 VAL 35 35 35 VAL VAL A . n 
A 1 36 GLY 36 36 36 GLY GLY A . n 
A 1 37 ILE 37 37 37 ILE ILE A . n 
A 1 38 LYS 38 38 38 LYS LYS A . n 
A 1 39 VAL 39 39 39 VAL VAL A . n 
A 1 40 GLY 40 40 40 GLY GLY A . n 
A 1 41 ASP 41 41 41 ASP ASP A . n 
A 1 42 VAL 42 42 42 VAL VAL A . n 
A 1 43 VAL 43 43 43 VAL VAL A . n 
A 1 44 GLU 44 44 44 GLU GLU A . n 
A 1 45 VAL 45 45 45 VAL VAL A . n 
A 1 46 LYS 46 46 46 LYS LYS A . n 
A 1 47 LYS 47 47 47 LYS LYS A . n 
A 1 48 VAL 48 48 48 VAL VAL A . n 
# 
loop_
_pdbx_nonpoly_scheme.asym_id 
_pdbx_nonpoly_scheme.entity_id 
_pdbx_nonpoly_scheme.mon_id 
_pdbx_nonpoly_scheme.ndb_seq_num 
_pdbx_nonpoly_scheme.pdb_seq_num 
_pdbx_nonpoly_scheme.auth_seq_num 
_pdbx_nonpoly_scheme.pdb_mon_id 
_pdbx_nonpoly_scheme.auth_mon_id 
_pdbx_nonpoly_scheme.pdb_strand_id 
_pdbx_nonpoly_scheme.pdb_ins_code 
B 2 SO4 1  101 6  SO4 SO4 A . 
C 3 HOH 1  201 46 HOH HOH A . 
C 3 HOH 2  202 51 HOH HOH A . 
C 3 HOH 3  203 24 HOH HOH A . 
C 3 HOH 4  204 43 HOH HOH A . 
C 3 HOH 5  205 48 HOH HOH A . 
C 3 HOH 6  206 31 HOH HOH A . 
C 3 HOH 7  207 50 HOH HOH A . 
C 3 HOH 8  208 8  HOH HOH A . 
C 3 HOH 9  209 47 HOH HOH A . 
C 3 HOH 10 210 29 HOH HOH A . 
C 3 HOH 11 211 38 HOH HOH A . 
C 3 HOH 12 212 12 HOH HOH A . 
C 3 HOH 13 213 28 HOH HOH A . 
C 3 HOH 14 214 30 HOH HOH A . 
C 3 HOH 15 215 3  HOH HOH A . 
C 3 HOH 16 216 27 HOH HOH A . 
C 3 HOH 17 217 23 HOH HOH A . 
C 3 HOH 18 218 6  HOH HOH A . 
C 3 HOH 19 219 16 HOH HOH A . 
C 3 HOH 20 220 25 HOH HOH A . 
C 3 HOH 21 221 11 HOH HOH A . 
C 3 HOH 22 222 40 HOH HOH A . 
C 3 HOH 23 223 17 HOH HOH A . 
C 3 HOH 24 224 2  HOH HOH A . 
C 3 HOH 25 225 9  HOH HOH A . 
C 3 HOH 26 226 33 HOH HOH A . 
C 3 HOH 27 227 5  HOH HOH A . 
C 3 HOH 28 228 22 HOH HOH A . 
C 3 HOH 29 229 7  HOH HOH A . 
C 3 HOH 30 230 10 HOH HOH A . 
C 3 HOH 31 231 18 HOH HOH A . 
C 3 HOH 32 232 14 HOH HOH A . 
C 3 HOH 33 233 19 HOH HOH A . 
C 3 HOH 34 234 1  HOH HOH A . 
C 3 HOH 35 235 45 HOH HOH A . 
C 3 HOH 36 236 34 HOH HOH A . 
C 3 HOH 37 237 15 HOH HOH A . 
C 3 HOH 38 238 20 HOH HOH A . 
C 3 HOH 39 239 37 HOH HOH A . 
C 3 HOH 40 240 49 HOH HOH A . 
C 3 HOH 41 241 42 HOH HOH A . 
C 3 HOH 42 242 35 HOH HOH A . 
C 3 HOH 43 243 26 HOH HOH A . 
C 3 HOH 44 244 13 HOH HOH A . 
C 3 HOH 45 245 21 HOH HOH A . 
C 3 HOH 46 246 4  HOH HOH A . 
C 3 HOH 47 247 41 HOH HOH A . 
# 
loop_
_software.citation_id 
_software.classification 
_software.compiler_name 
_software.compiler_version 
_software.contact_author 
_software.contact_author_email 
_software.date 
_software.description 
_software.dependencies 
_software.hardware 
_software.language 
_software.location 
_software.mods 
_software.name 
_software.os 
_software.os_version 
_software.type 
_software.version 
_software.pdbx_ordinal 
? refinement       ? ? ? ? ? ? ? ? ? ? ? PHENIX ? ? ? '(1.14_3260: ???)' 1 
? 'data reduction' ? ? ? ? ? ? ? ? ? ? ? XDS    ? ? ? .                  2 
? 'data scaling'   ? ? ? ? ? ? ? ? ? ? ? XDS    ? ? ? .                  3 
? phasing          ? ? ? ? ? ? ? ? ? ? ? PHENIX ? ? ? .                  4 
# 
_cell.angle_alpha                  90.00 
_cell.angle_alpha_esd              ? 
_cell.angle_beta                   90.00 
_cell.angle_beta_esd               ? 
_cell.angle_gamma                  120.00 
_cell.angle_gamma_esd              ? 
_cell.entry_id                     8JVP 
_cell.details                      ? 
_cell.formula_units_Z              ? 
_cell.length_a                     35.056 
_cell.length_a_esd                 ? 
_cell.length_b                     35.056 
_cell.length_b_esd                 ? 
_cell.length_c                     54.844 
_cell.length_c_esd                 ? 
_cell.volume                       ? 
_cell.volume_esd                   ? 
_cell.Z_PDB                        6 
_cell.reciprocal_angle_alpha       ? 
_cell.reciprocal_angle_beta        ? 
_cell.reciprocal_angle_gamma       ? 
_cell.reciprocal_angle_alpha_esd   ? 
_cell.reciprocal_angle_beta_esd    ? 
_cell.reciprocal_angle_gamma_esd   ? 
_cell.reciprocal_length_a          ? 
_cell.reciprocal_length_b          ? 
_cell.reciprocal_length_c          ? 
_cell.reciprocal_length_a_esd      ? 
_cell.reciprocal_length_b_esd      ? 
_cell.reciprocal_length_c_esd      ? 
_cell.pdbx_unique_axis             ? 
_cell.pdbx_esd_method              ? 
# 
_symmetry.entry_id                         8JVP 
_symmetry.cell_setting                     ? 
_symmetry.Int_Tables_number                154 
_symmetry.space_group_name_Hall            ? 
_symmetry.space_group_name_H-M             'P 32 2 1' 
_symmetry.pdbx_full_space_group_name_H-M   ? 
# 
_exptl.absorpt_coefficient_mu     ? 
_exptl.absorpt_correction_T_max   ? 
_exptl.absorpt_correction_T_min   ? 
_exptl.absorpt_correction_type    ? 
_exptl.absorpt_process_details    ? 
_exptl.entry_id                   8JVP 
_exptl.crystals_number            1 
_exptl.details                    ? 
_exptl.method                     'X-RAY DIFFRACTION' 
_exptl.method_details             ? 
# 
_exptl_crystal.colour                       ? 
_exptl_crystal.density_diffrn               ? 
_exptl_crystal.density_Matthews             1.89 
_exptl_crystal.density_method               ? 
_exptl_crystal.density_percent_sol          35.03 
_exptl_crystal.description                  ? 
_exptl_crystal.F_000                        ? 
_exptl_crystal.id                           1 
_exptl_crystal.preparation                  ? 
_exptl_crystal.size_max                     ? 
_exptl_crystal.size_mid                     ? 
_exptl_crystal.size_min                     ? 
_exptl_crystal.size_rad                     ? 
_exptl_crystal.colour_lustre                ? 
_exptl_crystal.colour_modifier              ? 
_exptl_crystal.colour_primary               ? 
_exptl_crystal.density_meas                 ? 
_exptl_crystal.density_meas_esd             ? 
_exptl_crystal.density_meas_gt              ? 
_exptl_crystal.density_meas_lt              ? 
_exptl_crystal.density_meas_temp            ? 
_exptl_crystal.density_meas_temp_esd        ? 
_exptl_crystal.density_meas_temp_gt         ? 
_exptl_crystal.density_meas_temp_lt         ? 
_exptl_crystal.pdbx_crystal_image_url       ? 
_exptl_crystal.pdbx_crystal_image_format    ? 
_exptl_crystal.pdbx_mosaicity               ? 
_exptl_crystal.pdbx_mosaicity_esd           ? 
_exptl_crystal.pdbx_mosaic_method           ? 
_exptl_crystal.pdbx_mosaic_block_size       ? 
_exptl_crystal.pdbx_mosaic_block_size_esd   ? 
# 
_exptl_crystal_grow.apparatus       ? 
_exptl_crystal_grow.atmosphere      ? 
_exptl_crystal_grow.crystal_id      1 
_exptl_crystal_grow.details         ? 
_exptl_crystal_grow.method          'VAPOR DIFFUSION, SITTING DROP' 
_exptl_crystal_grow.method_ref      ? 
_exptl_crystal_grow.pH              ? 
_exptl_crystal_grow.pressure        ? 
_exptl_crystal_grow.pressure_esd    ? 
_exptl_crystal_grow.seeding         ? 
_exptl_crystal_grow.seeding_ref     ? 
_exptl_crystal_grow.temp_details    ? 
_exptl_crystal_grow.temp_esd        ? 
_exptl_crystal_grow.time            ? 
_exptl_crystal_grow.pdbx_details    '30% PEG 400, 100mM Tris pH8.0, 400mM Lithium sulfate' 
_exptl_crystal_grow.pdbx_pH_range   ? 
_exptl_crystal_grow.temp            298 
# 
_diffrn.ambient_environment              ? 
_diffrn.ambient_temp                     100 
_diffrn.ambient_temp_details             ? 
_diffrn.ambient_temp_esd                 ? 
_diffrn.crystal_id                       1 
_diffrn.crystal_support                  ? 
_diffrn.crystal_treatment                ? 
_diffrn.details                          ? 
_diffrn.id                               1 
_diffrn.ambient_pressure                 ? 
_diffrn.ambient_pressure_esd             ? 
_diffrn.ambient_pressure_gt              ? 
_diffrn.ambient_pressure_lt              ? 
_diffrn.ambient_temp_gt                  ? 
_diffrn.ambient_temp_lt                  ? 
_diffrn.pdbx_serial_crystal_experiment   N 
# 
_diffrn_detector.details                      ? 
_diffrn_detector.detector                     CCD 
_diffrn_detector.diffrn_id                    1 
_diffrn_detector.type                         'RAYONIX MX-225' 
_diffrn_detector.area_resol_mean              ? 
_diffrn_detector.dtime                        ? 
_diffrn_detector.pdbx_frames_total            ? 
_diffrn_detector.pdbx_collection_time_total   ? 
_diffrn_detector.pdbx_collection_date         2022-01-27 
_diffrn_detector.pdbx_frequency               ? 
_diffrn_detector.id                           ? 
_diffrn_detector.number_of_axes               ? 
# 
_diffrn_radiation.collimation                      ? 
_diffrn_radiation.diffrn_id                        1 
_diffrn_radiation.filter_edge                      ? 
_diffrn_radiation.inhomogeneity                    ? 
_diffrn_radiation.monochromator                    ? 
_diffrn_radiation.polarisn_norm                    ? 
_diffrn_radiation.polarisn_ratio                   ? 
_diffrn_radiation.probe                            ? 
_diffrn_radiation.type                             ? 
_diffrn_radiation.xray_symbol                      ? 
_diffrn_radiation.wavelength_id                    1 
_diffrn_radiation.pdbx_monochromatic_or_laue_m_l   M 
_diffrn_radiation.pdbx_wavelength_list             ? 
_diffrn_radiation.pdbx_wavelength                  ? 
_diffrn_radiation.pdbx_diffrn_protocol             'SINGLE WAVELENGTH' 
_diffrn_radiation.pdbx_analyzer                    ? 
_diffrn_radiation.pdbx_scattering_type             x-ray 
# 
_diffrn_radiation_wavelength.id           1 
_diffrn_radiation_wavelength.wavelength   1 
_diffrn_radiation_wavelength.wt           1.0 
# 
_diffrn_source.current                     ? 
_diffrn_source.details                     ? 
_diffrn_source.diffrn_id                   1 
_diffrn_source.power                       ? 
_diffrn_source.size                        ? 
_diffrn_source.source                      SYNCHROTRON 
_diffrn_source.target                      ? 
_diffrn_source.type                        'SPRING-8 BEAMLINE BL26B2' 
_diffrn_source.voltage                     ? 
_diffrn_source.take-off_angle              ? 
_diffrn_source.pdbx_wavelength_list        1 
_diffrn_source.pdbx_wavelength             ? 
_diffrn_source.pdbx_synchrotron_beamline   BL26B2 
_diffrn_source.pdbx_synchrotron_site       SPring-8 
# 
_reflns.B_iso_Wilson_estimate                          ? 
_reflns.entry_id                                       8JVP 
_reflns.data_reduction_details                         ? 
_reflns.data_reduction_method                          ? 
_reflns.d_resolution_high                              1.3 
_reflns.d_resolution_low                               50 
_reflns.details                                        ? 
_reflns.limit_h_max                                    ? 
_reflns.limit_h_min                                    ? 
_reflns.limit_k_max                                    ? 
_reflns.limit_k_min                                    ? 
_reflns.limit_l_max                                    ? 
_reflns.limit_l_min                                    ? 
_reflns.number_all                                     ? 
_reflns.number_obs                                     18226 
_reflns.observed_criterion                             ? 
_reflns.observed_criterion_F_max                       ? 
_reflns.observed_criterion_F_min                       ? 
_reflns.observed_criterion_I_max                       ? 
_reflns.observed_criterion_I_min                       ? 
_reflns.observed_criterion_sigma_F                     ? 
_reflns.observed_criterion_sigma_I                     ? 
_reflns.percent_possible_obs                           98.7 
_reflns.R_free_details                                 ? 
_reflns.Rmerge_F_all                                   ? 
_reflns.Rmerge_F_obs                                   ? 
_reflns.Friedel_coverage                               ? 
_reflns.number_gt                                      ? 
_reflns.threshold_expression                           ? 
_reflns.pdbx_redundancy                                18.2 
_reflns.pdbx_netI_over_av_sigmaI                       ? 
_reflns.pdbx_netI_over_sigmaI                          0.42 
_reflns.pdbx_res_netI_over_av_sigmaI_2                 ? 
_reflns.pdbx_res_netI_over_sigmaI_2                    ? 
_reflns.pdbx_chi_squared                               ? 
_reflns.pdbx_scaling_rejects                           ? 
_reflns.pdbx_d_res_high_opt                            ? 
_reflns.pdbx_d_res_low_opt                             ? 
_reflns.pdbx_d_res_opt_method                          ? 
_reflns.phase_calculation_details                      ? 
_reflns.pdbx_Rrim_I_all                                ? 
_reflns.pdbx_Rpim_I_all                                ? 
_reflns.pdbx_d_opt                                     ? 
_reflns.pdbx_number_measured_all                       ? 
_reflns.pdbx_diffrn_id                                 1 
_reflns.pdbx_ordinal                                   1 
_reflns.pdbx_CC_half                                   1 
_reflns.pdbx_CC_star                                   ? 
_reflns.pdbx_R_split                                   ? 
_reflns.pdbx_Rmerge_I_obs                              ? 
_reflns.pdbx_Rmerge_I_all                              ? 
_reflns.pdbx_Rsym_value                                ? 
_reflns.pdbx_CC_split_method                           ? 
_reflns.pdbx_aniso_diffraction_limit_axis_1_ortho[1]   ? 
_reflns.pdbx_aniso_diffraction_limit_axis_1_ortho[2]   ? 
_reflns.pdbx_aniso_diffraction_limit_axis_1_ortho[3]   ? 
_reflns.pdbx_aniso_diffraction_limit_axis_2_ortho[1]   ? 
_reflns.pdbx_aniso_diffraction_limit_axis_2_ortho[2]   ? 
_reflns.pdbx_aniso_diffraction_limit_axis_2_ortho[3]   ? 
_reflns.pdbx_aniso_diffraction_limit_axis_3_ortho[1]   ? 
_reflns.pdbx_aniso_diffraction_limit_axis_3_ortho[2]   ? 
_reflns.pdbx_aniso_diffraction_limit_axis_3_ortho[3]   ? 
_reflns.pdbx_aniso_diffraction_limit_1                 ? 
_reflns.pdbx_aniso_diffraction_limit_2                 ? 
_reflns.pdbx_aniso_diffraction_limit_3                 ? 
_reflns.pdbx_aniso_B_tensor_eigenvector_1_ortho[1]     ? 
_reflns.pdbx_aniso_B_tensor_eigenvector_1_ortho[2]     ? 
_reflns.pdbx_aniso_B_tensor_eigenvector_1_ortho[3]     ? 
_reflns.pdbx_aniso_B_tensor_eigenvector_2_ortho[1]     ? 
_reflns.pdbx_aniso_B_tensor_eigenvector_2_ortho[2]     ? 
_reflns.pdbx_aniso_B_tensor_eigenvector_2_ortho[3]     ? 
_reflns.pdbx_aniso_B_tensor_eigenvector_3_ortho[1]     ? 
_reflns.pdbx_aniso_B_tensor_eigenvector_3_ortho[2]     ? 
_reflns.pdbx_aniso_B_tensor_eigenvector_3_ortho[3]     ? 
_reflns.pdbx_aniso_B_tensor_eigenvalue_1               ? 
_reflns.pdbx_aniso_B_tensor_eigenvalue_2               ? 
_reflns.pdbx_aniso_B_tensor_eigenvalue_3               ? 
_reflns.pdbx_orthogonalization_convention              ? 
_reflns.pdbx_percent_possible_ellipsoidal              ? 
_reflns.pdbx_percent_possible_spherical                ? 
_reflns.pdbx_percent_possible_ellipsoidal_anomalous    ? 
_reflns.pdbx_percent_possible_spherical_anomalous      ? 
_reflns.pdbx_redundancy_anomalous                      ? 
_reflns.pdbx_CC_half_anomalous                         ? 
_reflns.pdbx_absDiff_over_sigma_anomalous              ? 
_reflns.pdbx_percent_possible_anomalous                ? 
_reflns.pdbx_observed_signal_threshold                 ? 
_reflns.pdbx_signal_type                               ? 
_reflns.pdbx_signal_details                            ? 
_reflns.pdbx_signal_software_id                        ? 
# 
_reflns_shell.d_res_high                                    1.3 
_reflns_shell.d_res_low                                     1.38 
_reflns_shell.meanI_over_sigI_all                           ? 
_reflns_shell.meanI_over_sigI_obs                           ? 
_reflns_shell.number_measured_all                           ? 
_reflns_shell.number_measured_obs                           ? 
_reflns_shell.number_possible                               ? 
_reflns_shell.number_unique_all                             ? 
_reflns_shell.number_unique_obs                             31946 
_reflns_shell.percent_possible_obs                          ? 
_reflns_shell.Rmerge_F_all                                  ? 
_reflns_shell.Rmerge_F_obs                                  ? 
_reflns_shell.meanI_over_sigI_gt                            ? 
_reflns_shell.meanI_over_uI_all                             ? 
_reflns_shell.meanI_over_uI_gt                              ? 
_reflns_shell.number_measured_gt                            ? 
_reflns_shell.number_unique_gt                              ? 
_reflns_shell.percent_possible_gt                           ? 
_reflns_shell.Rmerge_F_gt                                   ? 
_reflns_shell.Rmerge_I_gt                                   ? 
_reflns_shell.pdbx_redundancy                               ? 
_reflns_shell.pdbx_chi_squared                              ? 
_reflns_shell.pdbx_netI_over_sigmaI_all                     ? 
_reflns_shell.pdbx_netI_over_sigmaI_obs                     ? 
_reflns_shell.pdbx_Rrim_I_all                               ? 
_reflns_shell.pdbx_Rpim_I_all                               ? 
_reflns_shell.pdbx_rejects                                  ? 
_reflns_shell.pdbx_ordinal                                  1 
_reflns_shell.pdbx_diffrn_id                                1 
_reflns_shell.pdbx_CC_half                                  0.99 
_reflns_shell.pdbx_CC_star                                  ? 
_reflns_shell.pdbx_R_split                                  ? 
_reflns_shell.percent_possible_all                          ? 
_reflns_shell.Rmerge_I_all                                  ? 
_reflns_shell.Rmerge_I_obs                                  ? 
_reflns_shell.pdbx_Rsym_value                               ? 
_reflns_shell.pdbx_percent_possible_ellipsoidal             ? 
_reflns_shell.pdbx_percent_possible_spherical               ? 
_reflns_shell.pdbx_percent_possible_ellipsoidal_anomalous   ? 
_reflns_shell.pdbx_percent_possible_spherical_anomalous     ? 
_reflns_shell.pdbx_redundancy_anomalous                     ? 
_reflns_shell.pdbx_CC_half_anomalous                        ? 
_reflns_shell.pdbx_absDiff_over_sigma_anomalous             ? 
_reflns_shell.pdbx_percent_possible_anomalous               ? 
# 
_refine.aniso_B[1][1]                            ? 
_refine.aniso_B[1][2]                            ? 
_refine.aniso_B[1][3]                            ? 
_refine.aniso_B[2][2]                            ? 
_refine.aniso_B[2][3]                            ? 
_refine.aniso_B[3][3]                            ? 
_refine.B_iso_max                                ? 
_refine.B_iso_mean                               ? 
_refine.B_iso_min                                ? 
_refine.correlation_coeff_Fo_to_Fc               ? 
_refine.correlation_coeff_Fo_to_Fc_free          ? 
_refine.details                                  ? 
_refine.diff_density_max                         ? 
_refine.diff_density_max_esd                     ? 
_refine.diff_density_min                         ? 
_refine.diff_density_min_esd                     ? 
_refine.diff_density_rms                         ? 
_refine.diff_density_rms_esd                     ? 
_refine.entry_id                                 8JVP 
_refine.pdbx_refine_id                           'X-RAY DIFFRACTION' 
_refine.ls_abs_structure_details                 ? 
_refine.ls_abs_structure_Flack                   ? 
_refine.ls_abs_structure_Flack_esd               ? 
_refine.ls_abs_structure_Rogers                  ? 
_refine.ls_abs_structure_Rogers_esd              ? 
_refine.ls_d_res_high                            1.302 
_refine.ls_d_res_low                             20.350 
_refine.ls_extinction_coef                       ? 
_refine.ls_extinction_coef_esd                   ? 
_refine.ls_extinction_expression                 ? 
_refine.ls_extinction_method                     ? 
_refine.ls_goodness_of_fit_all                   ? 
_refine.ls_goodness_of_fit_all_esd               ? 
_refine.ls_goodness_of_fit_obs                   ? 
_refine.ls_goodness_of_fit_obs_esd               ? 
_refine.ls_hydrogen_treatment                    ? 
_refine.ls_matrix_type                           ? 
_refine.ls_number_constraints                    ? 
_refine.ls_number_parameters                     ? 
_refine.ls_number_reflns_all                     ? 
_refine.ls_number_reflns_obs                     18226 
_refine.ls_number_reflns_R_free                  1869 
_refine.ls_number_reflns_R_work                  ? 
_refine.ls_number_restraints                     ? 
_refine.ls_percent_reflns_obs                    98.80 
_refine.ls_percent_reflns_R_free                 10.25 
_refine.ls_R_factor_all                          ? 
_refine.ls_R_factor_obs                          0.1933 
_refine.ls_R_factor_R_free                       0.2251 
_refine.ls_R_factor_R_free_error                 ? 
_refine.ls_R_factor_R_free_error_details         ? 
_refine.ls_R_factor_R_work                       0.1897 
_refine.ls_R_Fsqd_factor_obs                     ? 
_refine.ls_R_I_factor_obs                        ? 
_refine.ls_redundancy_reflns_all                 ? 
_refine.ls_redundancy_reflns_obs                 ? 
_refine.ls_restrained_S_all                      ? 
_refine.ls_restrained_S_obs                      ? 
_refine.ls_shift_over_esd_max                    ? 
_refine.ls_shift_over_esd_mean                   ? 
_refine.ls_structure_factor_coef                 ? 
_refine.ls_weighting_details                     ? 
_refine.ls_weighting_scheme                      ? 
_refine.ls_wR_factor_all                         ? 
_refine.ls_wR_factor_obs                         ? 
_refine.ls_wR_factor_R_free                      ? 
_refine.ls_wR_factor_R_work                      ? 
_refine.occupancy_max                            ? 
_refine.occupancy_min                            ? 
_refine.solvent_model_details                    'FLAT BULK SOLVENT MODEL' 
_refine.solvent_model_param_bsol                 ? 
_refine.solvent_model_param_ksol                 ? 
_refine.pdbx_R_complete                          ? 
_refine.ls_R_factor_gt                           ? 
_refine.ls_goodness_of_fit_gt                    ? 
_refine.ls_goodness_of_fit_ref                   ? 
_refine.ls_shift_over_su_max                     ? 
_refine.ls_shift_over_su_max_lt                  ? 
_refine.ls_shift_over_su_mean                    ? 
_refine.ls_shift_over_su_mean_lt                 ? 
_refine.pdbx_ls_sigma_I                          ? 
_refine.pdbx_ls_sigma_F                          1.34 
_refine.pdbx_ls_sigma_Fsqd                       ? 
_refine.pdbx_data_cutoff_high_absF               ? 
_refine.pdbx_data_cutoff_high_rms_absF           ? 
_refine.pdbx_data_cutoff_low_absF                ? 
_refine.pdbx_isotropic_thermal_model             ? 
_refine.pdbx_ls_cross_valid_method               'FREE R-VALUE' 
_refine.pdbx_method_to_determine_struct          'MOLECULAR REPLACEMENT' 
_refine.pdbx_starting_model                      ? 
_refine.pdbx_stereochemistry_target_values       ML 
_refine.pdbx_R_Free_selection_details            ? 
_refine.pdbx_stereochem_target_val_spec_case     ? 
_refine.pdbx_overall_ESU_R                       ? 
_refine.pdbx_overall_ESU_R_Free                  ? 
_refine.pdbx_solvent_vdw_probe_radii             1.11 
_refine.pdbx_solvent_ion_probe_radii             ? 
_refine.pdbx_solvent_shrinkage_radii             0.90 
_refine.pdbx_real_space_R                        ? 
_refine.pdbx_density_correlation                 ? 
_refine.pdbx_pd_number_of_powder_patterns        ? 
_refine.pdbx_pd_number_of_points                 ? 
_refine.pdbx_pd_meas_number_of_points            ? 
_refine.pdbx_pd_proc_ls_prof_R_factor            ? 
_refine.pdbx_pd_proc_ls_prof_wR_factor           ? 
_refine.pdbx_pd_Marquardt_correlation_coeff      ? 
_refine.pdbx_pd_Fsqrd_R_factor                   ? 
_refine.pdbx_pd_ls_matrix_band_width             ? 
_refine.pdbx_overall_phase_error                 23.10 
_refine.pdbx_overall_SU_R_free_Cruickshank_DPI   ? 
_refine.pdbx_overall_SU_R_free_Blow_DPI          ? 
_refine.pdbx_overall_SU_R_Blow_DPI               ? 
_refine.pdbx_TLS_residual_ADP_flag               ? 
_refine.pdbx_diffrn_id                           1 
_refine.overall_SU_B                             ? 
_refine.overall_SU_ML                            0.12 
_refine.overall_SU_R_Cruickshank_DPI             ? 
_refine.overall_SU_R_free                        ? 
_refine.overall_FOM_free_R_set                   ? 
_refine.overall_FOM_work_R_set                   ? 
_refine.pdbx_average_fsc_overall                 ? 
_refine.pdbx_average_fsc_work                    ? 
_refine.pdbx_average_fsc_free                    ? 
# 
_refine_hist.pdbx_refine_id                   'X-RAY DIFFRACTION' 
_refine_hist.cycle_id                         LAST 
_refine_hist.details                          ? 
_refine_hist.d_res_high                       1.302 
_refine_hist.d_res_low                        20.350 
_refine_hist.number_atoms_solvent             47 
_refine_hist.number_atoms_total               412 
_refine_hist.number_reflns_all                ? 
_refine_hist.number_reflns_obs                ? 
_refine_hist.number_reflns_R_free             ? 
_refine_hist.number_reflns_R_work             ? 
_refine_hist.R_factor_all                     ? 
_refine_hist.R_factor_obs                     ? 
_refine_hist.R_factor_R_free                  ? 
_refine_hist.R_factor_R_work                  ? 
_refine_hist.pdbx_number_residues_total       ? 
_refine_hist.pdbx_B_iso_mean_ligand           ? 
_refine_hist.pdbx_B_iso_mean_solvent          ? 
_refine_hist.pdbx_number_atoms_protein        360 
_refine_hist.pdbx_number_atoms_nucleic_acid   0 
_refine_hist.pdbx_number_atoms_ligand         5 
_refine_hist.pdbx_number_atoms_lipid          ? 
_refine_hist.pdbx_number_atoms_carb           ? 
_refine_hist.pdbx_pseudo_atom_details         ? 
# 
loop_
_refine_ls_restr.pdbx_refine_id 
_refine_ls_restr.criterion 
_refine_ls_restr.dev_ideal 
_refine_ls_restr.dev_ideal_target 
_refine_ls_restr.number 
_refine_ls_restr.rejects 
_refine_ls_restr.type 
_refine_ls_restr.weight 
_refine_ls_restr.pdbx_restraint_function 
'X-RAY DIFFRACTION' ? 0.012  ? 385 ? f_bond_d           ? ? 
'X-RAY DIFFRACTION' ? 1.205  ? 519 ? f_angle_d          ? ? 
'X-RAY DIFFRACTION' ? 25.672 ? 155 ? f_dihedral_angle_d ? ? 
'X-RAY DIFFRACTION' ? 0.082  ? 60  ? f_chiral_restr     ? ? 
'X-RAY DIFFRACTION' ? 0.007  ? 67  ? f_plane_restr      ? ? 
# 
loop_
_refine_ls_shell.pdbx_refine_id 
_refine_ls_shell.d_res_high 
_refine_ls_shell.d_res_low 
_refine_ls_shell.number_reflns_all 
_refine_ls_shell.number_reflns_obs 
_refine_ls_shell.number_reflns_R_free 
_refine_ls_shell.number_reflns_R_work 
_refine_ls_shell.percent_reflns_obs 
_refine_ls_shell.percent_reflns_R_free 
_refine_ls_shell.R_factor_all 
_refine_ls_shell.R_factor_obs 
_refine_ls_shell.R_factor_R_free_error 
_refine_ls_shell.R_factor_R_work 
_refine_ls_shell.redundancy_reflns_all 
_refine_ls_shell.redundancy_reflns_obs 
_refine_ls_shell.wR_factor_all 
_refine_ls_shell.wR_factor_obs 
_refine_ls_shell.wR_factor_R_free 
_refine_ls_shell.wR_factor_R_work 
_refine_ls_shell.pdbx_R_complete 
_refine_ls_shell.pdbx_total_number_of_bins_used 
_refine_ls_shell.pdbx_phase_error 
_refine_ls_shell.pdbx_fsc_work 
_refine_ls_shell.pdbx_fsc_free 
_refine_ls_shell.R_factor_R_free 
'X-RAY DIFFRACTION' 1.3022 1.3374 . . 138 1234 98.00  . . . . 0.2420 . . . . . . . . . . . 0.2857 
'X-RAY DIFFRACTION' 1.3374 1.3768 . . 148 1270 100.00 . . . . 0.2113 . . . . . . . . . . . 0.3112 
'X-RAY DIFFRACTION' 1.3768 1.4212 . . 144 1282 100.00 . . . . 0.2215 . . . . . . . . . . . 0.2360 
'X-RAY DIFFRACTION' 1.4212 1.4720 . . 140 1265 100.00 . . . . 0.2120 . . . . . . . . . . . 0.2648 
'X-RAY DIFFRACTION' 1.4720 1.5309 . . 142 1292 100.00 . . . . 0.1848 . . . . . . . . . . . 0.2503 
'X-RAY DIFFRACTION' 1.5309 1.6006 . . 148 1295 100.00 . . . . 0.1935 . . . . . . . . . . . 0.2200 
'X-RAY DIFFRACTION' 1.6006 1.6849 . . 144 1259 100.00 . . . . 0.2019 . . . . . . . . . . . 0.2461 
'X-RAY DIFFRACTION' 1.6849 1.7904 . . 146 1274 100.00 . . . . 0.2008 . . . . . . . . . . . 0.2626 
'X-RAY DIFFRACTION' 1.7904 1.9286 . . 138 1272 100.00 . . . . 0.1874 . . . . . . . . . . . 0.2331 
'X-RAY DIFFRACTION' 1.9286 2.1225 . . 148 1262 100.00 . . . . 0.1631 . . . . . . . . . . . 0.2006 
'X-RAY DIFFRACTION' 2.1225 2.4292 . . 144 1283 100.00 . . . . 0.1690 . . . . . . . . . . . 0.2164 
'X-RAY DIFFRACTION' 2.4292 3.0588 . . 158 1271 100.00 . . . . 0.1935 . . . . . . . . . . . 0.1896 
'X-RAY DIFFRACTION' 3.0588 20.350 . . 131 1098 86.00  . . . . 0.1963 . . . . . . . . . . . 0.2346 
# 
_struct.entry_id                     8JVP 
_struct.title                        'Crystal structure of the dimeric DZBB fold protein Ph1' 
_struct.pdbx_model_details           ? 
_struct.pdbx_formula_weight          ? 
_struct.pdbx_formula_weight_method   ? 
_struct.pdbx_model_type_details      ? 
_struct.pdbx_CASP_flag               N 
# 
_struct_keywords.entry_id        8JVP 
_struct_keywords.text            'Double zeta beta barrel, DNA BINDING PROTEIN' 
_struct_keywords.pdbx_keywords   'DNA BINDING PROTEIN' 
# 
loop_
_struct_asym.id 
_struct_asym.pdbx_blank_PDB_chainid_flag 
_struct_asym.pdbx_modified 
_struct_asym.entity_id 
_struct_asym.details 
A N N 1 ? 
B N N 2 ? 
C N N 3 ? 
# 
_struct_ref.id                         1 
_struct_ref.db_name                    PDB 
_struct_ref.db_code                    8JVP 
_struct_ref.pdbx_db_accession          8JVP 
_struct_ref.pdbx_db_isoform            ? 
_struct_ref.entity_id                  1 
_struct_ref.pdbx_seq_one_letter_code   ? 
_struct_ref.pdbx_align_begin           1 
# 
_struct_ref_seq.align_id                      1 
_struct_ref_seq.ref_id                        1 
_struct_ref_seq.pdbx_PDB_id_code              8JVP 
_struct_ref_seq.pdbx_strand_id                A 
_struct_ref_seq.seq_align_beg                 1 
_struct_ref_seq.pdbx_seq_align_beg_ins_code   ? 
_struct_ref_seq.seq_align_end                 48 
_struct_ref_seq.pdbx_seq_align_end_ins_code   ? 
_struct_ref_seq.pdbx_db_accession             8JVP 
_struct_ref_seq.db_align_beg                  1 
_struct_ref_seq.pdbx_db_align_beg_ins_code    ? 
_struct_ref_seq.db_align_end                  48 
_struct_ref_seq.pdbx_db_align_end_ins_code    ? 
_struct_ref_seq.pdbx_auth_seq_align_beg       1 
_struct_ref_seq.pdbx_auth_seq_align_end       48 
# 
_pdbx_struct_assembly.id                   1 
_pdbx_struct_assembly.details              author_and_software_defined_assembly 
_pdbx_struct_assembly.method_details       PISA 
_pdbx_struct_assembly.oligomeric_details   dimeric 
_pdbx_struct_assembly.oligomeric_count     2 
# 
loop_
_pdbx_struct_assembly_prop.biol_id 
_pdbx_struct_assembly_prop.type 
_pdbx_struct_assembly_prop.value 
_pdbx_struct_assembly_prop.details 
1 'ABSA (A^2)' 3950 ? 
1 MORE         -49  ? 
1 'SSA (A^2)'  5820 ? 
# 
_pdbx_struct_assembly_gen.assembly_id       1 
_pdbx_struct_assembly_gen.oper_expression   1,2 
_pdbx_struct_assembly_gen.asym_id_list      A,B,C 
# 
_pdbx_struct_assembly_auth_evidence.id                     1 
_pdbx_struct_assembly_auth_evidence.assembly_id            1 
_pdbx_struct_assembly_auth_evidence.experimental_support   'gel filtration' 
_pdbx_struct_assembly_auth_evidence.details                ? 
# 
loop_
_pdbx_struct_oper_list.id 
_pdbx_struct_oper_list.type 
_pdbx_struct_oper_list.name 
_pdbx_struct_oper_list.symmetry_operation 
_pdbx_struct_oper_list.matrix[1][1] 
_pdbx_struct_oper_list.matrix[1][2] 
_pdbx_struct_oper_list.matrix[1][3] 
_pdbx_struct_oper_list.vector[1] 
_pdbx_struct_oper_list.matrix[2][1] 
_pdbx_struct_oper_list.matrix[2][2] 
_pdbx_struct_oper_list.matrix[2][3] 
_pdbx_struct_oper_list.vector[2] 
_pdbx_struct_oper_list.matrix[3][1] 
_pdbx_struct_oper_list.matrix[3][2] 
_pdbx_struct_oper_list.matrix[3][3] 
_pdbx_struct_oper_list.vector[3] 
1 'identity operation'         1_555 x,y,z  1.0000000000  0.0000000000  0.0000000000 0.0000000000  0.0000000000  1.0000000000 0.0000000000  0.0000000000  0.0000000000 0.0000000000  1.0000000000  0.0000000000 
2 'crystal symmetry operation' 4_555 y,x,-z -0.6637854348 -0.7472809986 0.0309839599 -1.6504528693 -0.7472809986 0.6609300981 -0.0688659173 -0.6144221491 0.0309839599 -0.0688659173 -0.9971446634 3.0906410077 
# 
loop_
_struct_conf.conf_type_id 
_struct_conf.id 
_struct_conf.pdbx_PDB_helix_id 
_struct_conf.beg_label_comp_id 
_struct_conf.beg_label_asym_id 
_struct_conf.beg_label_seq_id 
_struct_conf.pdbx_beg_PDB_ins_code 
_struct_conf.end_label_comp_id 
_struct_conf.end_label_asym_id 
_struct_conf.end_label_seq_id 
_struct_conf.pdbx_end_PDB_ins_code 
_struct_conf.beg_auth_comp_id 
_struct_conf.beg_auth_asym_id 
_struct_conf.beg_auth_seq_id 
_struct_conf.end_auth_comp_id 
_struct_conf.end_auth_asym_id 
_struct_conf.end_auth_seq_id 
_struct_conf.pdbx_PDB_helix_class 
_struct_conf.details 
_struct_conf.pdbx_PDB_helix_length 
HELX_P HELX_P1 AA1 ARG A 16 ? VAL A 20 ? ARG A 16 VAL A 20 5 ? 5 
HELX_P HELX_P2 AA2 PRO A 28 ? GLY A 36 ? PRO A 28 GLY A 36 1 ? 9 
# 
_struct_conf_type.id          HELX_P 
_struct_conf_type.criteria    ? 
_struct_conf_type.reference   ? 
# 
_struct_sheet.id               AA1 
_struct_sheet.type             ? 
_struct_sheet.number_strands   2 
_struct_sheet.details          ? 
# 
_struct_sheet_order.sheet_id     AA1 
_struct_sheet_order.range_id_1   1 
_struct_sheet_order.range_id_2   2 
_struct_sheet_order.offset       ? 
_struct_sheet_order.sense        anti-parallel 
# 
loop_
_struct_sheet_range.sheet_id 
_struct_sheet_range.id 
_struct_sheet_range.beg_label_comp_id 
_struct_sheet_range.beg_label_asym_id 
_struct_sheet_range.beg_label_seq_id 
_struct_sheet_range.pdbx_beg_PDB_ins_code 
_struct_sheet_range.end_label_comp_id 
_struct_sheet_range.end_label_asym_id 
_struct_sheet_range.end_label_seq_id 
_struct_sheet_range.pdbx_end_PDB_ins_code 
_struct_sheet_range.beg_auth_comp_id 
_struct_sheet_range.beg_auth_asym_id 
_struct_sheet_range.beg_auth_seq_id 
_struct_sheet_range.end_auth_comp_id 
_struct_sheet_range.end_auth_asym_id 
_struct_sheet_range.end_auth_seq_id 
AA1 1 LYS A 7  ? ARG A 11 ? LYS A 7  ARG A 11 
AA1 2 VAL A 42 ? LYS A 46 ? VAL A 42 LYS A 46 
# 
_pdbx_struct_sheet_hbond.sheet_id                AA1 
_pdbx_struct_sheet_hbond.range_id_1              1 
_pdbx_struct_sheet_hbond.range_id_2              2 
_pdbx_struct_sheet_hbond.range_1_label_atom_id   N 
_pdbx_struct_sheet_hbond.range_1_label_comp_id   ALA 
_pdbx_struct_sheet_hbond.range_1_label_asym_id   A 
_pdbx_struct_sheet_hbond.range_1_label_seq_id    10 
_pdbx_struct_sheet_hbond.range_1_PDB_ins_code    ? 
_pdbx_struct_sheet_hbond.range_1_auth_atom_id    N 
_pdbx_struct_sheet_hbond.range_1_auth_comp_id    ALA 
_pdbx_struct_sheet_hbond.range_1_auth_asym_id    A 
_pdbx_struct_sheet_hbond.range_1_auth_seq_id     10 
_pdbx_struct_sheet_hbond.range_2_label_atom_id   O 
_pdbx_struct_sheet_hbond.range_2_label_comp_id   VAL 
_pdbx_struct_sheet_hbond.range_2_label_asym_id   A 
_pdbx_struct_sheet_hbond.range_2_label_seq_id    43 
_pdbx_struct_sheet_hbond.range_2_PDB_ins_code    ? 
_pdbx_struct_sheet_hbond.range_2_auth_atom_id    O 
_pdbx_struct_sheet_hbond.range_2_auth_comp_id    VAL 
_pdbx_struct_sheet_hbond.range_2_auth_asym_id    A 
_pdbx_struct_sheet_hbond.range_2_auth_seq_id     43 
# 
loop_
_pdbx_validate_close_contact.id 
_pdbx_validate_close_contact.PDB_model_num 
_pdbx_validate_close_contact.auth_atom_id_1 
_pdbx_validate_close_contact.auth_asym_id_1 
_pdbx_validate_close_contact.auth_comp_id_1 
_pdbx_validate_close_contact.auth_seq_id_1 
_pdbx_validate_close_contact.PDB_ins_code_1 
_pdbx_validate_close_contact.label_alt_id_1 
_pdbx_validate_close_contact.auth_atom_id_2 
_pdbx_validate_close_contact.auth_asym_id_2 
_pdbx_validate_close_contact.auth_comp_id_2 
_pdbx_validate_close_contact.auth_seq_id_2 
_pdbx_validate_close_contact.PDB_ins_code_2 
_pdbx_validate_close_contact.label_alt_id_2 
_pdbx_validate_close_contact.dist 
1 1 OE1 A GLU 31  ? ? O A HOH 201 ? ? 1.96 
2 1 NZ  A LYS 7   ? ? O A HOH 202 ? ? 1.98 
3 1 O   A HOH 207 ? ? O A HOH 233 ? ? 2.17 
# 
loop_
_pdbx_struct_special_symmetry.id 
_pdbx_struct_special_symmetry.PDB_model_num 
_pdbx_struct_special_symmetry.auth_asym_id 
_pdbx_struct_special_symmetry.auth_comp_id 
_pdbx_struct_special_symmetry.auth_seq_id 
_pdbx_struct_special_symmetry.PDB_ins_code 
_pdbx_struct_special_symmetry.label_asym_id 
_pdbx_struct_special_symmetry.label_comp_id 
_pdbx_struct_special_symmetry.label_seq_id 
1 1 A HOH 211 ? C HOH . 
2 1 A HOH 237 ? C HOH . 
3 1 A HOH 246 ? C HOH . 
4 1 A HOH 247 ? C HOH . 
# 
_pdbx_entry_details.entry_id                   8JVP 
_pdbx_entry_details.nonpolymer_details         ? 
_pdbx_entry_details.sequence_details           ? 
_pdbx_entry_details.compound_details           ? 
_pdbx_entry_details.source_details             ? 
_pdbx_entry_details.has_ligand_of_interest     Y 
_pdbx_entry_details.has_protein_modification   ? 
# 
loop_
_chem_comp_atom.comp_id 
_chem_comp_atom.atom_id 
_chem_comp_atom.type_symbol 
_chem_comp_atom.pdbx_aromatic_flag 
_chem_comp_atom.pdbx_stereo_config 
_chem_comp_atom.pdbx_ordinal 
ALA N    N N N 1   
ALA CA   C N S 2   
ALA C    C N N 3   
ALA O    O N N 4   
ALA CB   C N N 5   
ALA OXT  O N N 6   
ALA H    H N N 7   
ALA H2   H N N 8   
ALA HA   H N N 9   
ALA HB1  H N N 10  
ALA HB2  H N N 11  
ALA HB3  H N N 12  
ALA HXT  H N N 13  
ARG N    N N N 14  
ARG CA   C N S 15  
ARG C    C N N 16  
ARG O    O N N 17  
ARG CB   C N N 18  
ARG CG   C N N 19  
ARG CD   C N N 20  
ARG NE   N N N 21  
ARG CZ   C N N 22  
ARG NH1  N N N 23  
ARG NH2  N N N 24  
ARG OXT  O N N 25  
ARG H    H N N 26  
ARG H2   H N N 27  
ARG HA   H N N 28  
ARG HB2  H N N 29  
ARG HB3  H N N 30  
ARG HG2  H N N 31  
ARG HG3  H N N 32  
ARG HD2  H N N 33  
ARG HD3  H N N 34  
ARG HE   H N N 35  
ARG HH11 H N N 36  
ARG HH12 H N N 37  
ARG HH21 H N N 38  
ARG HH22 H N N 39  
ARG HXT  H N N 40  
ASP N    N N N 41  
ASP CA   C N S 42  
ASP C    C N N 43  
ASP O    O N N 44  
ASP CB   C N N 45  
ASP CG   C N N 46  
ASP OD1  O N N 47  
ASP OD2  O N N 48  
ASP OXT  O N N 49  
ASP H    H N N 50  
ASP H2   H N N 51  
ASP HA   H N N 52  
ASP HB2  H N N 53  
ASP HB3  H N N 54  
ASP HD2  H N N 55  
ASP HXT  H N N 56  
GLU N    N N N 57  
GLU CA   C N S 58  
GLU C    C N N 59  
GLU O    O N N 60  
GLU CB   C N N 61  
GLU CG   C N N 62  
GLU CD   C N N 63  
GLU OE1  O N N 64  
GLU OE2  O N N 65  
GLU OXT  O N N 66  
GLU H    H N N 67  
GLU H2   H N N 68  
GLU HA   H N N 69  
GLU HB2  H N N 70  
GLU HB3  H N N 71  
GLU HG2  H N N 72  
GLU HG3  H N N 73  
GLU HE2  H N N 74  
GLU HXT  H N N 75  
GLY N    N N N 76  
GLY CA   C N N 77  
GLY C    C N N 78  
GLY O    O N N 79  
GLY OXT  O N N 80  
GLY H    H N N 81  
GLY H2   H N N 82  
GLY HA2  H N N 83  
GLY HA3  H N N 84  
GLY HXT  H N N 85  
HOH O    O N N 86  
HOH H1   H N N 87  
HOH H2   H N N 88  
ILE N    N N N 89  
ILE CA   C N S 90  
ILE C    C N N 91  
ILE O    O N N 92  
ILE CB   C N S 93  
ILE CG1  C N N 94  
ILE CG2  C N N 95  
ILE CD1  C N N 96  
ILE OXT  O N N 97  
ILE H    H N N 98  
ILE H2   H N N 99  
ILE HA   H N N 100 
ILE HB   H N N 101 
ILE HG12 H N N 102 
ILE HG13 H N N 103 
ILE HG21 H N N 104 
ILE HG22 H N N 105 
ILE HG23 H N N 106 
ILE HD11 H N N 107 
ILE HD12 H N N 108 
ILE HD13 H N N 109 
ILE HXT  H N N 110 
LYS N    N N N 111 
LYS CA   C N S 112 
LYS C    C N N 113 
LYS O    O N N 114 
LYS CB   C N N 115 
LYS CG   C N N 116 
LYS CD   C N N 117 
LYS CE   C N N 118 
LYS NZ   N N N 119 
LYS OXT  O N N 120 
LYS H    H N N 121 
LYS H2   H N N 122 
LYS HA   H N N 123 
LYS HB2  H N N 124 
LYS HB3  H N N 125 
LYS HG2  H N N 126 
LYS HG3  H N N 127 
LYS HD2  H N N 128 
LYS HD3  H N N 129 
LYS HE2  H N N 130 
LYS HE3  H N N 131 
LYS HZ1  H N N 132 
LYS HZ2  H N N 133 
LYS HZ3  H N N 134 
LYS HXT  H N N 135 
MET N    N N N 136 
MET CA   C N S 137 
MET C    C N N 138 
MET O    O N N 139 
MET CB   C N N 140 
MET CG   C N N 141 
MET SD   S N N 142 
MET CE   C N N 143 
MET OXT  O N N 144 
MET H    H N N 145 
MET H2   H N N 146 
MET HA   H N N 147 
MET HB2  H N N 148 
MET HB3  H N N 149 
MET HG2  H N N 150 
MET HG3  H N N 151 
MET HE1  H N N 152 
MET HE2  H N N 153 
MET HE3  H N N 154 
MET HXT  H N N 155 
PHE N    N N N 156 
PHE CA   C N S 157 
PHE C    C N N 158 
PHE O    O N N 159 
PHE CB   C N N 160 
PHE CG   C Y N 161 
PHE CD1  C Y N 162 
PHE CD2  C Y N 163 
PHE CE1  C Y N 164 
PHE CE2  C Y N 165 
PHE CZ   C Y N 166 
PHE OXT  O N N 167 
PHE H    H N N 168 
PHE H2   H N N 169 
PHE HA   H N N 170 
PHE HB2  H N N 171 
PHE HB3  H N N 172 
PHE HD1  H N N 173 
PHE HD2  H N N 174 
PHE HE1  H N N 175 
PHE HE2  H N N 176 
PHE HZ   H N N 177 
PHE HXT  H N N 178 
PRO N    N N N 179 
PRO CA   C N S 180 
PRO C    C N N 181 
PRO O    O N N 182 
PRO CB   C N N 183 
PRO CG   C N N 184 
PRO CD   C N N 185 
PRO OXT  O N N 186 
PRO H    H N N 187 
PRO HA   H N N 188 
PRO HB2  H N N 189 
PRO HB3  H N N 190 
PRO HG2  H N N 191 
PRO HG3  H N N 192 
PRO HD2  H N N 193 
PRO HD3  H N N 194 
PRO HXT  H N N 195 
SO4 S    S N N 196 
SO4 O1   O N N 197 
SO4 O2   O N N 198 
SO4 O3   O N N 199 
SO4 O4   O N N 200 
VAL N    N N N 201 
VAL CA   C N S 202 
VAL C    C N N 203 
VAL O    O N N 204 
VAL CB   C N N 205 
VAL CG1  C N N 206 
VAL CG2  C N N 207 
VAL OXT  O N N 208 
VAL H    H N N 209 
VAL H2   H N N 210 
VAL HA   H N N 211 
VAL HB   H N N 212 
VAL HG11 H N N 213 
VAL HG12 H N N 214 
VAL HG13 H N N 215 
VAL HG21 H N N 216 
VAL HG22 H N N 217 
VAL HG23 H N N 218 
VAL HXT  H N N 219 
# 
loop_
_chem_comp_bond.comp_id 
_chem_comp_bond.atom_id_1 
_chem_comp_bond.atom_id_2 
_chem_comp_bond.value_order 
_chem_comp_bond.pdbx_aromatic_flag 
_chem_comp_bond.pdbx_stereo_config 
_chem_comp_bond.pdbx_ordinal 
ALA N   CA   sing N N 1   
ALA N   H    sing N N 2   
ALA N   H2   sing N N 3   
ALA CA  C    sing N N 4   
ALA CA  CB   sing N N 5   
ALA CA  HA   sing N N 6   
ALA C   O    doub N N 7   
ALA C   OXT  sing N N 8   
ALA CB  HB1  sing N N 9   
ALA CB  HB2  sing N N 10  
ALA CB  HB3  sing N N 11  
ALA OXT HXT  sing N N 12  
ARG N   CA   sing N N 13  
ARG N   H    sing N N 14  
ARG N   H2   sing N N 15  
ARG CA  C    sing N N 16  
ARG CA  CB   sing N N 17  
ARG CA  HA   sing N N 18  
ARG C   O    doub N N 19  
ARG C   OXT  sing N N 20  
ARG CB  CG   sing N N 21  
ARG CB  HB2  sing N N 22  
ARG CB  HB3  sing N N 23  
ARG CG  CD   sing N N 24  
ARG CG  HG2  sing N N 25  
ARG CG  HG3  sing N N 26  
ARG CD  NE   sing N N 27  
ARG CD  HD2  sing N N 28  
ARG CD  HD3  sing N N 29  
ARG NE  CZ   sing N N 30  
ARG NE  HE   sing N N 31  
ARG CZ  NH1  sing N N 32  
ARG CZ  NH2  doub N N 33  
ARG NH1 HH11 sing N N 34  
ARG NH1 HH12 sing N N 35  
ARG NH2 HH21 sing N N 36  
ARG NH2 HH22 sing N N 37  
ARG OXT HXT  sing N N 38  
ASP N   CA   sing N N 39  
ASP N   H    sing N N 40  
ASP N   H2   sing N N 41  
ASP CA  C    sing N N 42  
ASP CA  CB   sing N N 43  
ASP CA  HA   sing N N 44  
ASP C   O    doub N N 45  
ASP C   OXT  sing N N 46  
ASP CB  CG   sing N N 47  
ASP CB  HB2  sing N N 48  
ASP CB  HB3  sing N N 49  
ASP CG  OD1  doub N N 50  
ASP CG  OD2  sing N N 51  
ASP OD2 HD2  sing N N 52  
ASP OXT HXT  sing N N 53  
GLU N   CA   sing N N 54  
GLU N   H    sing N N 55  
GLU N   H2   sing N N 56  
GLU CA  C    sing N N 57  
GLU CA  CB   sing N N 58  
GLU CA  HA   sing N N 59  
GLU C   O    doub N N 60  
GLU C   OXT  sing N N 61  
GLU CB  CG   sing N N 62  
GLU CB  HB2  sing N N 63  
GLU CB  HB3  sing N N 64  
GLU CG  CD   sing N N 65  
GLU CG  HG2  sing N N 66  
GLU CG  HG3  sing N N 67  
GLU CD  OE1  doub N N 68  
GLU CD  OE2  sing N N 69  
GLU OE2 HE2  sing N N 70  
GLU OXT HXT  sing N N 71  
GLY N   CA   sing N N 72  
GLY N   H    sing N N 73  
GLY N   H2   sing N N 74  
GLY CA  C    sing N N 75  
GLY CA  HA2  sing N N 76  
GLY CA  HA3  sing N N 77  
GLY C   O    doub N N 78  
GLY C   OXT  sing N N 79  
GLY OXT HXT  sing N N 80  
HOH O   H1   sing N N 81  
HOH O   H2   sing N N 82  
ILE N   CA   sing N N 83  
ILE N   H    sing N N 84  
ILE N   H2   sing N N 85  
ILE CA  C    sing N N 86  
ILE CA  CB   sing N N 87  
ILE CA  HA   sing N N 88  
ILE C   O    doub N N 89  
ILE C   OXT  sing N N 90  
ILE CB  CG1  sing N N 91  
ILE CB  CG2  sing N N 92  
ILE CB  HB   sing N N 93  
ILE CG1 CD1  sing N N 94  
ILE CG1 HG12 sing N N 95  
ILE CG1 HG13 sing N N 96  
ILE CG2 HG21 sing N N 97  
ILE CG2 HG22 sing N N 98  
ILE CG2 HG23 sing N N 99  
ILE CD1 HD11 sing N N 100 
ILE CD1 HD12 sing N N 101 
ILE CD1 HD13 sing N N 102 
ILE OXT HXT  sing N N 103 
LYS N   CA   sing N N 104 
LYS N   H    sing N N 105 
LYS N   H2   sing N N 106 
LYS CA  C    sing N N 107 
LYS CA  CB   sing N N 108 
LYS CA  HA   sing N N 109 
LYS C   O    doub N N 110 
LYS C   OXT  sing N N 111 
LYS CB  CG   sing N N 112 
LYS CB  HB2  sing N N 113 
LYS CB  HB3  sing N N 114 
LYS CG  CD   sing N N 115 
LYS CG  HG2  sing N N 116 
LYS CG  HG3  sing N N 117 
LYS CD  CE   sing N N 118 
LYS CD  HD2  sing N N 119 
LYS CD  HD3  sing N N 120 
LYS CE  NZ   sing N N 121 
LYS CE  HE2  sing N N 122 
LYS CE  HE3  sing N N 123 
LYS NZ  HZ1  sing N N 124 
LYS NZ  HZ2  sing N N 125 
LYS NZ  HZ3  sing N N 126 
LYS OXT HXT  sing N N 127 
MET N   CA   sing N N 128 
MET N   H    sing N N 129 
MET N   H2   sing N N 130 
MET CA  C    sing N N 131 
MET CA  CB   sing N N 132 
MET CA  HA   sing N N 133 
MET C   O    doub N N 134 
MET C   OXT  sing N N 135 
MET CB  CG   sing N N 136 
MET CB  HB2  sing N N 137 
MET CB  HB3  sing N N 138 
MET CG  SD   sing N N 139 
MET CG  HG2  sing N N 140 
MET CG  HG3  sing N N 141 
MET SD  CE   sing N N 142 
MET CE  HE1  sing N N 143 
MET CE  HE2  sing N N 144 
MET CE  HE3  sing N N 145 
MET OXT HXT  sing N N 146 
PHE N   CA   sing N N 147 
PHE N   H    sing N N 148 
PHE N   H2   sing N N 149 
PHE CA  C    sing N N 150 
PHE CA  CB   sing N N 151 
PHE CA  HA   sing N N 152 
PHE C   O    doub N N 153 
PHE C   OXT  sing N N 154 
PHE CB  CG   sing N N 155 
PHE CB  HB2  sing N N 156 
PHE CB  HB3  sing N N 157 
PHE CG  CD1  doub Y N 158 
PHE CG  CD2  sing Y N 159 
PHE CD1 CE1  sing Y N 160 
PHE CD1 HD1  sing N N 161 
PHE CD2 CE2  doub Y N 162 
PHE CD2 HD2  sing N N 163 
PHE CE1 CZ   doub Y N 164 
PHE CE1 HE1  sing N N 165 
PHE CE2 CZ   sing Y N 166 
PHE CE2 HE2  sing N N 167 
PHE CZ  HZ   sing N N 168 
PHE OXT HXT  sing N N 169 
PRO N   CA   sing N N 170 
PRO N   CD   sing N N 171 
PRO N   H    sing N N 172 
PRO CA  C    sing N N 173 
PRO CA  CB   sing N N 174 
PRO CA  HA   sing N N 175 
PRO C   O    doub N N 176 
PRO C   OXT  sing N N 177 
PRO CB  CG   sing N N 178 
PRO CB  HB2  sing N N 179 
PRO CB  HB3  sing N N 180 
PRO CG  CD   sing N N 181 
PRO CG  HG2  sing N N 182 
PRO CG  HG3  sing N N 183 
PRO CD  HD2  sing N N 184 
PRO CD  HD3  sing N N 185 
PRO OXT HXT  sing N N 186 
SO4 S   O1   doub N N 187 
SO4 S   O2   doub N N 188 
SO4 S   O3   sing N N 189 
SO4 S   O4   sing N N 190 
VAL N   CA   sing N N 191 
VAL N   H    sing N N 192 
VAL N   H2   sing N N 193 
VAL CA  C    sing N N 194 
VAL CA  CB   sing N N 195 
VAL CA  HA   sing N N 196 
VAL C   O    doub N N 197 
VAL C   OXT  sing N N 198 
VAL CB  CG1  sing N N 199 
VAL CB  CG2  sing N N 200 
VAL CB  HB   sing N N 201 
VAL CG1 HG11 sing N N 202 
VAL CG1 HG12 sing N N 203 
VAL CG1 HG13 sing N N 204 
VAL CG2 HG21 sing N N 205 
VAL CG2 HG22 sing N N 206 
VAL CG2 HG23 sing N N 207 
VAL OXT HXT  sing N N 208 
# 
loop_
_pdbx_audit_support.funding_organization 
_pdbx_audit_support.country 
_pdbx_audit_support.grant_number 
_pdbx_audit_support.ordinal 
'Japan Society for the Promotion of Science (JSPS)' Japan 18H01328 1 
'Japan Society for the Promotion of Science (JSPS)' Japan 20K15854 2 
'Japan Society for the Promotion of Science (JSPS)' Japan 22H01346 3 
# 
_pdbx_entity_instance_feature.ordinal        1 
_pdbx_entity_instance_feature.comp_id        SO4 
_pdbx_entity_instance_feature.asym_id        ? 
_pdbx_entity_instance_feature.seq_num        ? 
_pdbx_entity_instance_feature.auth_comp_id   SO4 
_pdbx_entity_instance_feature.auth_asym_id   ? 
_pdbx_entity_instance_feature.auth_seq_num   ? 
_pdbx_entity_instance_feature.feature_type   'SUBJECT OF INVESTIGATION' 
_pdbx_entity_instance_feature.details        ? 
# 
_pdbx_initial_refinement_model.id               1 
_pdbx_initial_refinement_model.entity_id_list   ? 
_pdbx_initial_refinement_model.type             'in silico model' 
_pdbx_initial_refinement_model.source_name      AlphaFold 
_pdbx_initial_refinement_model.accession_code   ? 
_pdbx_initial_refinement_model.details          ? 
# 
_atom_sites.entry_id                    8JVP 
_atom_sites.Cartn_transf_matrix[1][1]   ? 
_atom_sites.Cartn_transf_matrix[1][2]   ? 
_atom_sites.Cartn_transf_matrix[1][3]   ? 
_atom_sites.Cartn_transf_matrix[2][1]   ? 
_atom_sites.Cartn_transf_matrix[2][2]   ? 
_atom_sites.Cartn_transf_matrix[2][3]   ? 
_atom_sites.Cartn_transf_matrix[3][1]   ? 
_atom_sites.Cartn_transf_matrix[3][2]   ? 
_atom_sites.Cartn_transf_matrix[3][3]   ? 
_atom_sites.Cartn_transf_vector[1]      ? 
_atom_sites.Cartn_transf_vector[2]      ? 
_atom_sites.Cartn_transf_vector[3]      ? 
_atom_sites.fract_transf_matrix[1][1]   -0.02494667 
_atom_sites.fract_transf_matrix[1][2]   0.02036510 
_atom_sites.fract_transf_matrix[1][3]   0.00692004 
_atom_sites.fract_transf_matrix[2][1]   0.00155482 
_atom_sites.fract_transf_matrix[2][2]   0.03162584 
_atom_sites.fract_transf_matrix[2][3]   -0.00907559 
_atom_sites.fract_transf_matrix[3][1]   -0.00783367 
_atom_sites.fract_transf_matrix[3][2]   -0.00418478 
_atom_sites.fract_transf_matrix[3][3]   -0.01592482 
_atom_sites.fract_transf_vector[1]      -0.293169 
_atom_sites.fract_transf_vector[2]      -0.243126 
_atom_sites.fract_transf_vector[3]      0.016859 
_atom_sites.solution_primary            ? 
_atom_sites.solution_secondary          ? 
_atom_sites.solution_hydrogens          ? 
_atom_sites.special_details             ? 
# 
loop_
_atom_type.symbol 
C 
N 
O 
S 
# 
loop_
_atom_site.group_PDB 
_atom_site.id 
_atom_site.type_symbol 
_atom_site.label_atom_id 
_atom_site.label_alt_id 
_atom_site.label_comp_id 
_atom_site.label_asym_id 
_atom_site.label_entity_id 
_atom_site.label_seq_id 
_atom_site.pdbx_PDB_ins_code 
_atom_site.Cartn_x 
_atom_site.Cartn_y 
_atom_site.Cartn_z 
_atom_site.occupancy 
_atom_site.B_iso_or_equiv 
_atom_site.pdbx_formal_charge 
_atom_site.auth_seq_id 
_atom_site.auth_comp_id 
_atom_site.auth_asym_id 
_atom_site.auth_atom_id 
_atom_site.pdbx_PDB_model_num 
ATOM   1   N N   . GLY A 1 1  ? -12.815 -13.126 13.419  1.00 51.55 ? 1   GLY A N   1 
ATOM   2   C CA  . GLY A 1 1  ? -12.244 -12.782 12.129  1.00 52.26 ? 1   GLY A CA  1 
ATOM   3   C C   . GLY A 1 1  ? -11.386 -13.885 11.538  1.00 52.98 ? 1   GLY A C   1 
ATOM   4   O O   . GLY A 1 1  ? -11.277 -14.967 12.115  1.00 53.39 ? 1   GLY A O   1 
ATOM   5   N N   . PRO A 1 2  ? -10.762 -13.629 10.391  1.00 52.82 ? 2   PRO A N   1 
ATOM   6   C CA  . PRO A 1 2  ? -9.908  -14.595 9.769   1.00 52.99 ? 2   PRO A CA  1 
ATOM   7   C C   . PRO A 1 2  ? -8.574  -14.745 10.506  1.00 51.08 ? 2   PRO A C   1 
ATOM   8   O O   . PRO A 1 2  ? -8.115  -13.896 11.202  1.00 50.16 ? 2   PRO A O   1 
ATOM   9   C CB  . PRO A 1 2  ? -9.651  -14.014 8.363   1.00 54.07 ? 2   PRO A CB  1 
ATOM   10  C CG  . PRO A 1 2  ? -9.874  -12.586 8.527   1.00 54.30 ? 2   PRO A CG  1 
ATOM   11  C CD  . PRO A 1 2  ? -10.944 -12.452 9.577   1.00 53.73 ? 2   PRO A CD  1 
ATOM   12  N N   . MET A 1 3  ? -7.922  -15.854 10.195  1.00 49.98 ? 3   MET A N   1 
ATOM   13  C CA  . MET A 1 3  ? -6.568  -16.080 10.710  1.00 49.52 ? 3   MET A CA  1 
ATOM   14  C C   . MET A 1 3  ? -5.670  -15.042 10.016  1.00 43.79 ? 3   MET A C   1 
ATOM   15  O O   . MET A 1 3  ? -5.897  -14.663 8.861   1.00 39.97 ? 3   MET A O   1 
ATOM   16  C CB  . MET A 1 3  ? -6.093  -17.515 10.431  1.00 55.13 ? 3   MET A CB  1 
ATOM   17  C CG  . MET A 1 3  ? -6.329  -18.555 11.591  1.00 61.01 ? 3   MET A CG  1 
ATOM   18  S SD  . MET A 1 3  ? -6.309  -20.231 10.866  1.00 65.96 ? 3   MET A SD  1 
ATOM   19  C CE  . MET A 1 3  ? -7.797  -20.011 9.909   1.00 68.45 ? 3   MET A CE  1 
ATOM   20  N N   . PRO A 1 4  ? -4.538  -14.690 10.626  1.00 41.06 ? 4   PRO A N   1 
ATOM   21  C CA  . PRO A 1 4  ? -3.657  -13.743 10.019  1.00 39.95 ? 4   PRO A CA  1 
ATOM   22  C C   . PRO A 1 4  ? -2.890  -14.374 8.859   1.00 38.58 ? 4   PRO A C   1 
ATOM   23  O O   . PRO A 1 4  ? -2.928  -15.544 8.694   1.00 38.89 ? 4   PRO A O   1 
ATOM   24  C CB  . PRO A 1 4  ? -2.698  -13.379 11.152  1.00 40.24 ? 4   PRO A CB  1 
ATOM   25  C CG  . PRO A 1 4  ? -2.745  -14.518 12.093  1.00 40.99 ? 4   PRO A CG  1 
ATOM   26  C CD  . PRO A 1 4  ? -4.079  -15.205 11.903  1.00 41.26 ? 4   PRO A CD  1 
ATOM   27  N N   . GLY A 1 5  ? -2.239  -13.549 8.054   1.00 36.49 ? 5   GLY A N   1 
ATOM   28  C CA  . GLY A 1 5  ? -1.378  -14.020 6.972   1.00 35.31 ? 5   GLY A CA  1 
ATOM   29  C C   . GLY A 1 5  ? -2.025  -14.002 5.612   1.00 33.16 ? 5   GLY A C   1 
ATOM   30  O O   . GLY A 1 5  ? -1.381  -14.337 4.684   1.00 32.02 ? 5   GLY A O   1 
ATOM   31  N N   . LYS A 1 6  ? -3.297  -13.599 5.536   1.00 32.11 ? 6   LYS A N   1 
ATOM   32  C CA  . LYS A 1 6  ? -3.964  -13.480 4.219   1.00 31.54 ? 6   LYS A CA  1 
ATOM   33  C C   . LYS A 1 6  ? -3.542  -12.193 3.497   1.00 27.28 ? 6   LYS A C   1 
ATOM   34  O O   . LYS A 1 6  ? -3.110  -11.281 4.129   1.00 24.68 ? 6   LYS A O   1 
ATOM   35  C CB  . LYS A 1 6  ? -5.469  -13.561 4.351   1.00 34.69 ? 6   LYS A CB  1 
ATOM   36  C CG  . LYS A 1 6  ? -5.922  -14.884 4.925   1.00 37.92 ? 6   LYS A CG  1 
ATOM   37  C CD  . LYS A 1 6  ? -7.397  -15.041 4.894   1.00 44.25 ? 6   LYS A CD  1 
ATOM   38  C CE  . LYS A 1 6  ? -7.869  -16.490 4.876   1.00 49.92 ? 6   LYS A CE  1 
ATOM   39  N NZ  . LYS A 1 6  ? -8.324  -16.897 3.524   1.00 53.47 ? 6   LYS A NZ  1 
ATOM   40  N N   . LYS A 1 7  ? -3.696  -12.202 2.201   1.00 27.03 ? 7   LYS A N   1 
ATOM   41  C CA  . LYS A 1 7  ? -3.184  -11.099 1.398   1.00 27.08 ? 7   LYS A CA  1 
ATOM   42  C C   . LYS A 1 7  ? -4.093  -10.696 0.238   1.00 23.16 ? 7   LYS A C   1 
ATOM   43  O O   . LYS A 1 7  ? -4.964  -11.385 -0.148  1.00 26.05 ? 7   LYS A O   1 
ATOM   44  C CB  . LYS A 1 7  ? -1.857  -11.505 0.752   1.00 34.06 ? 7   LYS A CB  1 
ATOM   45  C CG  . LYS A 1 7  ? -0.971  -12.486 1.485   1.00 38.85 ? 7   LYS A CG  1 
ATOM   46  C CD  . LYS A 1 7  ? -0.266  -13.299 0.434   1.00 43.87 ? 7   LYS A CD  1 
ATOM   47  C CE  . LYS A 1 7  ? -1.258  -13.645 -0.654  1.00 48.18 ? 7   LYS A CE  1 
ATOM   48  N NZ  . LYS A 1 7  ? -1.006  -14.891 -1.431  1.00 51.19 ? 7   LYS A NZ  1 
ATOM   49  N N   . PHE A 1 8  ? -3.859  -9.504  -0.222  1.00 20.28 ? 8   PHE A N   1 
ATOM   50  C CA  . PHE A 1 8  ? -4.469  -9.085  -1.466  1.00 20.85 ? 8   PHE A CA  1 
ATOM   51  C C   . PHE A 1 8  ? -3.472  -8.247  -2.245  1.00 18.77 ? 8   PHE A C   1 
ATOM   52  O O   . PHE A 1 8  ? -2.475  -7.754  -1.709  1.00 17.67 ? 8   PHE A O   1 
ATOM   53  C CB  . PHE A 1 8  ? -5.755  -8.299  -1.243  1.00 21.79 ? 8   PHE A CB  1 
ATOM   54  C CG  . PHE A 1 8  ? -5.537  -7.005  -0.541  1.00 21.55 ? 8   PHE A CG  1 
ATOM   55  C CD1 . PHE A 1 8  ? -5.451  -6.964  0.838   1.00 23.75 ? 8   PHE A CD1 1 
ATOM   56  C CD2 . PHE A 1 8  ? -5.384  -5.832  -1.256  1.00 22.53 ? 8   PHE A CD2 1 
ATOM   57  C CE1 . PHE A 1 8  ? -5.225  -5.776  1.496   1.00 24.92 ? 8   PHE A CE1 1 
ATOM   58  C CE2 . PHE A 1 8  ? -5.156  -4.633  -0.605  1.00 23.43 ? 8   PHE A CE2 1 
ATOM   59  C CZ  . PHE A 1 8  ? -5.076  -4.609  0.770   1.00 24.43 ? 8   PHE A CZ  1 
ATOM   60  N N   . VAL A 1 9  ? -3.768  -8.082  -3.521  1.00 17.08 ? 9   VAL A N   1 
ATOM   61  C CA  . VAL A 1 9  ? -2.881  -7.417  -4.451  1.00 17.61 ? 9   VAL A CA  1 
ATOM   62  C C   . VAL A 1 9  ? -3.492  -6.071  -4.795  1.00 16.90 ? 9   VAL A C   1 
ATOM   63  O O   . VAL A 1 9  ? -4.711  -5.956  -4.952  1.00 19.75 ? 9   VAL A O   1 
ATOM   64  C CB  . VAL A 1 9  ? -2.706  -8.300  -5.695  1.00 20.57 ? 9   VAL A CB  1 
ATOM   65  C CG1 . VAL A 1 9  ? -1.880  -7.590  -6.747  1.00 22.91 ? 9   VAL A CG1 1 
ATOM   66  C CG2 . VAL A 1 9  ? -2.048  -9.611  -5.294  1.00 22.98 ? 9   VAL A CG2 1 
ATOM   67  N N   . ALA A 1 10 ? -2.652  -5.049  -4.886  1.00 15.97 ? 10  ALA A N   1 
ATOM   68  C CA  . ALA A 1 10 ? -3.130  -3.707  -5.153  1.00 18.06 ? 10  ALA A CA  1 
ATOM   69  C C   . ALA A 1 10 ? -2.021  -2.941  -5.841  1.00 16.55 ? 10  ALA A C   1 
ATOM   70  O O   . ALA A 1 10 ? -0.904  -3.433  -5.996  1.00 19.49 ? 10  ALA A O   1 
ATOM   71  C CB  . ALA A 1 10 ? -3.562  -2.998  -3.864  1.00 22.96 ? 10  ALA A CB  1 
ATOM   72  N N   . ARG A 1 11 ? -2.324  -1.723  -6.244  1.00 19.68 ? 11  ARG A N   1 
ATOM   73  C CA  . ARG A 1 11 ? -1.356  -0.869  -6.906  1.00 19.52 ? 11  ARG A CA  1 
ATOM   74  C C   . ARG A 1 11 ? -1.143  0.369   -6.054  1.00 19.31 ? 11  ARG A C   1 
ATOM   75  O O   . ARG A 1 11 ? -2.091  0.887   -5.457  1.00 22.39 ? 11  ARG A O   1 
ATOM   76  C CB  . ARG A 1 11 ? -1.880  -0.463  -8.270  1.00 22.37 ? 11  ARG A CB  1 
ATOM   77  C CG  . ARG A 1 11 ? -0.818  -0.036  -9.217  1.00 24.88 ? 11  ARG A CG  1 
ATOM   78  C CD  . ARG A 1 11 ? -1.372  0.127   -10.609 1.00 25.20 ? 11  ARG A CD  1 
ATOM   79  N NE  . ARG A 1 11 ? -1.860  -1.127  -11.176 1.00 26.16 ? 11  ARG A NE  1 
ATOM   80  C CZ  . ARG A 1 11 ? -1.137  -1.949  -11.933 1.00 28.82 ? 11  ARG A CZ  1 
ATOM   81  N NH1 . ARG A 1 11 ? 0.134   -1.671  -12.205 1.00 28.06 ? 11  ARG A NH1 1 
ATOM   82  N NH2 . ARG A 1 11 ? -1.676  -3.063  -12.411 1.00 31.20 ? 11  ARG A NH2 1 
ATOM   83  N N   . VAL A 1 12 ? 0.107   0.806   -5.946  1.00 16.69 ? 12  VAL A N   1 
ATOM   84  C CA  . VAL A 1 12 ? 0.416   2.039   -5.232  1.00 16.31 ? 12  VAL A CA  1 
ATOM   85  C C   . VAL A 1 12 ? -0.124  3.222   -6.021  1.00 15.04 ? 12  VAL A C   1 
ATOM   86  O O   . VAL A 1 12 ? 0.104   3.332   -7.227  1.00 15.49 ? 12  VAL A O   1 
ATOM   87  C CB  . VAL A 1 12 ? 1.932   2.159   -5.037  1.00 16.44 ? 12  VAL A CB  1 
ATOM   88  C CG1 . VAL A 1 12 ? 2.292   3.480   -4.360  1.00 17.75 ? 12  VAL A CG1 1 
ATOM   89  C CG2 . VAL A 1 12 ? 2.457   0.952   -4.253  1.00 18.36 ? 12  VAL A CG2 1 
ATOM   90  N N   . ALA A 1 13 ? -0.807  4.131   -5.335  1.00 15.86 ? 13  ALA A N   1 
ATOM   91  C CA  . ALA A 1 13 ? -1.468  5.273   -5.945  1.00 16.27 ? 13  ALA A CA  1 
ATOM   92  C C   . ALA A 1 13 ? -0.996  6.553   -5.266  1.00 15.34 ? 13  ALA A C   1 
ATOM   93  O O   . ALA A 1 13 ? -0.421  6.528   -4.176  1.00 15.86 ? 13  ALA A O   1 
ATOM   94  C CB  . ALA A 1 13 ? -2.993  5.170   -5.756  1.00 18.97 ? 13  ALA A CB  1 
ATOM   95  N N   A GLU A 1 14 ? -1.246  7.681   -5.922  0.55 15.66 ? 14  GLU A N   1 
ATOM   96  N N   B GLU A 1 14 ? -1.282  7.678   -5.904  0.45 16.24 ? 14  GLU A N   1 
ATOM   97  C CA  A GLU A 1 14 ? -1.104  8.979   -5.275  0.55 16.28 ? 14  GLU A CA  1 
ATOM   98  C CA  B GLU A 1 14 ? -1.115  8.989   -5.294  0.45 17.02 ? 14  GLU A CA  1 
ATOM   99  C C   A GLU A 1 14 ? -2.447  9.347   -4.664  0.55 15.39 ? 14  GLU A C   1 
ATOM   100 C C   B GLU A 1 14 ? -2.449  9.377   -4.674  0.45 16.30 ? 14  GLU A C   1 
ATOM   101 O O   A GLU A 1 14 ? -3.465  9.370   -5.364  0.55 18.57 ? 14  GLU A O   1 
ATOM   102 O O   B GLU A 1 14 ? -3.462  9.451   -5.379  0.45 18.78 ? 14  GLU A O   1 
ATOM   103 C CB  A GLU A 1 14 ? -0.648  10.060  -6.253  0.55 18.91 ? 14  GLU A CB  1 
ATOM   104 C CB  B GLU A 1 14 ? -0.686  10.015  -6.342  0.45 19.38 ? 14  GLU A CB  1 
ATOM   105 C CG  A GLU A 1 14 ? -0.502  11.433  -5.595  0.55 21.77 ? 14  GLU A CG  1 
ATOM   106 C CG  B GLU A 1 14 ? -0.464  11.426  -5.800  0.45 22.36 ? 14  GLU A CG  1 
ATOM   107 C CD  A GLU A 1 14 ? -0.190  12.543  -6.585  0.55 26.34 ? 14  GLU A CD  1 
ATOM   108 C CD  B GLU A 1 14 ? 0.068   12.367  -6.860  0.45 25.74 ? 14  GLU A CD  1 
ATOM   109 O OE1 A GLU A 1 14 ? -0.584  13.699  -6.322  0.55 27.49 ? 14  GLU A OE1 1 
ATOM   110 O OE1 B GLU A 1 14 ? -0.630  12.547  -7.886  0.45 25.86 ? 14  GLU A OE1 1 
ATOM   111 O OE2 A GLU A 1 14 ? 0.442   12.266  -7.626  0.55 30.61 ? 14  GLU A OE2 1 
ATOM   112 O OE2 B GLU A 1 14 ? 1.175   12.921  -6.658  0.45 28.02 ? 14  GLU A OE2 1 
ATOM   113 N N   . ALA A 1 15 ? -2.451  9.620   -3.362  1.00 16.59 ? 15  ALA A N   1 
ATOM   114 C CA  . ALA A 1 15 ? -3.684  9.974   -2.674  1.00 17.58 ? 15  ALA A CA  1 
ATOM   115 C C   . ALA A 1 15 ? -4.205  11.313  -3.173  1.00 18.96 ? 15  ALA A C   1 
ATOM   116 O O   . ALA A 1 15 ? -3.449  12.264  -3.397  1.00 19.92 ? 15  ALA A O   1 
ATOM   117 C CB  . ALA A 1 15 ? -3.429  10.065  -1.171  1.00 18.70 ? 15  ALA A CB  1 
ATOM   118 N N   . ARG A 1 16 ? -5.496  11.364  -3.335  1.00 19.70 ? 16  ARG A N   1 
ATOM   119 C CA  . ARG A 1 16 ? -6.156  12.608  -3.796  1.00 21.26 ? 16  ARG A CA  1 
ATOM   120 C C   . ARG A 1 16 ? -7.198  13.024  -2.767  1.00 21.39 ? 16  ARG A C   1 
ATOM   121 O O   . ARG A 1 16 ? -7.518  12.287  -1.917  1.00 21.82 ? 16  ARG A O   1 
ATOM   122 C CB  . ARG A 1 16 ? -6.803  12.342  -5.153  1.00 26.72 ? 16  ARG A CB  1 
ATOM   123 C CG  . ARG A 1 16 ? -5.805  12.159  -6.285  1.00 34.21 ? 16  ARG A CG  1 
ATOM   124 C CD  . ARG A 1 16 ? -4.768  13.268  -6.488  1.00 44.63 ? 16  ARG A CD  1 
ATOM   125 N NE  . ARG A 1 16 ? -4.721  13.973  -7.763  1.00 52.17 ? 16  ARG A NE  1 
ATOM   126 C CZ  . ARG A 1 16 ? -3.930  15.032  -8.076  1.00 56.74 ? 16  ARG A CZ  1 
ATOM   127 N NH1 . ARG A 1 16 ? -3.958  15.546  -9.297  1.00 58.44 ? 16  ARG A NH1 1 
ATOM   128 N NH2 . ARG A 1 16 ? -3.137  15.585  -7.171  1.00 58.37 ? 16  ARG A NH2 1 
ATOM   129 N N   . ALA A 1 17 ? -7.789  14.207  -2.987  1.00 22.04 ? 17  ALA A N   1 
ATOM   130 C CA  . ALA A 1 17 ? -8.811  14.687  -2.064  1.00 23.07 ? 17  ALA A CA  1 
ATOM   131 C C   . ALA A 1 17 ? -9.994  13.729  -1.976  1.00 23.28 ? 17  ALA A C   1 
ATOM   132 O O   . ALA A 1 17 ? -10.595 13.588  -0.904  1.00 23.40 ? 17  ALA A O   1 
ATOM   133 C CB  . ALA A 1 17 ? -9.273  16.088  -2.471  1.00 24.12 ? 17  ALA A CB  1 
ATOM   134 N N   . GLU A 1 18 ? -10.327 13.048  -3.075  1.00 24.54 ? 18  GLU A N   1 
ATOM   135 C CA  . GLU A 1 18 ? -11.453 12.123  -3.078  1.00 26.56 ? 18  GLU A CA  1 
ATOM   136 C C   . GLU A 1 18 ? -11.189 10.873  -2.251  1.00 24.68 ? 18  GLU A C   1 
ATOM   137 O O   . GLU A 1 18 ? -12.121 10.093  -2.020  1.00 25.47 ? 18  GLU A O   1 
ATOM   138 C CB  . GLU A 1 18 ? -11.837 11.750  -4.516  1.00 32.74 ? 18  GLU A CB  1 
ATOM   139 C CG  . GLU A 1 18 ? -10.800 10.897  -5.254  1.00 39.28 ? 18  GLU A CG  1 
ATOM   140 C CD  . GLU A 1 18 ? -11.063 10.836  -6.752  1.00 45.42 ? 18  GLU A CD  1 
ATOM   141 O OE1 . GLU A 1 18 ? -10.588 11.734  -7.481  1.00 48.43 ? 18  GLU A OE1 1 
ATOM   142 O OE2 . GLU A 1 18 ? -11.765 9.903   -7.199  1.00 46.19 ? 18  GLU A OE2 1 
ATOM   143 N N   . ASP A 1 19 ? -9.955  10.668  -1.801  1.00 20.44 ? 19  ASP A N   1 
ATOM   144 C CA  . ASP A 1 19 ? -9.608  9.512   -0.985  1.00 18.80 ? 19  ASP A CA  1 
ATOM   145 C C   . ASP A 1 19 ? -9.752  9.757   0.514   1.00 18.59 ? 19  ASP A C   1 
ATOM   146 O O   . ASP A 1 19 ? -9.552  8.822   1.299   1.00 18.65 ? 19  ASP A O   1 
ATOM   147 C CB  . ASP A 1 19 ? -8.184  9.050   -1.306  1.00 19.36 ? 19  ASP A CB  1 
ATOM   148 C CG  . ASP A 1 19 ? -8.018  8.631   -2.757  1.00 21.17 ? 19  ASP A CG  1 
ATOM   149 O OD1 . ASP A 1 19 ? -8.976  8.077   -3.333  1.00 23.66 ? 19  ASP A OD1 1 
ATOM   150 O OD2 . ASP A 1 19 ? -6.945  8.885   -3.326  1.00 23.87 ? 19  ASP A OD2 1 
ATOM   151 N N   . VAL A 1 20 ? -10.084 10.982  0.936   1.00 20.02 ? 20  VAL A N   1 
ATOM   152 C CA  . VAL A 1 20 ? -10.251 11.249  2.361   1.00 19.91 ? 20  VAL A CA  1 
ATOM   153 C C   . VAL A 1 20 ? -11.325 10.332  2.919   1.00 20.27 ? 20  VAL A C   1 
ATOM   154 O O   . VAL A 1 20 ? -12.401 10.173  2.326   1.00 22.81 ? 20  VAL A O   1 
ATOM   155 C CB  . VAL A 1 20 ? -10.570 12.731  2.603   1.00 22.68 ? 20  VAL A CB  1 
ATOM   156 C CG1 . VAL A 1 20 ? -10.937 12.958  4.057   1.00 23.81 ? 20  VAL A CG1 1 
ATOM   157 C CG2 . VAL A 1 20 ? -9.377  13.588  2.212   1.00 24.79 ? 20  VAL A CG2 1 
ATOM   158 N N   . GLY A 1 21 ? -11.018 9.691   4.049   1.00 20.64 ? 21  GLY A N   1 
ATOM   159 C CA  . GLY A 1 21 ? -11.923 8.753   4.671   1.00 20.91 ? 21  GLY A CA  1 
ATOM   160 C C   . GLY A 1 21 ? -11.711 7.308   4.279   1.00 22.25 ? 21  GLY A C   1 
ATOM   161 O O   . GLY A 1 21 ? -12.256 6.415   4.942   1.00 25.46 ? 21  GLY A O   1 
ATOM   162 N N   . LYS A 1 22 ? -10.949 7.043   3.222   1.00 19.05 ? 22  LYS A N   1 
ATOM   163 C CA  . LYS A 1 22 ? -10.655 5.675   2.842   1.00 17.14 ? 22  LYS A CA  1 
ATOM   164 C C   . LYS A 1 22 ? -9.619  5.071   3.789   1.00 17.11 ? 22  LYS A C   1 
ATOM   165 O O   . LYS A 1 22 ? -8.916  5.771   4.523   1.00 17.46 ? 22  LYS A O   1 
ATOM   166 C CB  . LYS A 1 22 ? -10.139 5.639   1.406   1.00 17.90 ? 22  LYS A CB  1 
ATOM   167 C CG  . LYS A 1 22 ? -11.194 6.033   0.386   1.00 21.07 ? 22  LYS A CG  1 
ATOM   168 C CD  . LYS A 1 22 ? -10.661 5.963   -1.024  1.00 23.27 ? 22  LYS A CD  1 
ATOM   169 C CE  . LYS A 1 22 ? -11.675 6.527   -2.000  1.00 27.87 ? 22  LYS A CE  1 
ATOM   170 N NZ  . LYS A 1 22 ? -11.105 6.609   -3.368  1.00 29.30 ? 22  LYS A NZ  1 
ATOM   171 N N   . ARG A 1 23 ? -9.544  3.745   3.781   1.00 16.27 ? 23  ARG A N   1 
ATOM   172 C CA  . ARG A 1 23 ? -8.543  3.017   4.543   1.00 15.31 ? 23  ARG A CA  1 
ATOM   173 C C   . ARG A 1 23 ? -7.329  2.830   3.651   1.00 14.33 ? 23  ARG A C   1 
ATOM   174 O O   . ARG A 1 23 ? -7.450  2.349   2.518   1.00 16.87 ? 23  ARG A O   1 
ATOM   175 C CB  . ARG A 1 23 ? -9.091  1.659   4.985   1.00 15.66 ? 23  ARG A CB  1 
ATOM   176 C CG  . ARG A 1 23 ? -9.821  1.704   6.317   1.00 18.88 ? 23  ARG A CG  1 
ATOM   177 C CD  . ARG A 1 23 ? -10.857 2.791   6.351   1.00 21.98 ? 23  ARG A CD  1 
ATOM   178 N NE  . ARG A 1 23 ? -11.562 2.781   7.625   1.00 24.67 ? 23  ARG A NE  1 
ATOM   179 C CZ  . ARG A 1 23 ? -12.228 3.819   8.120   1.00 24.22 ? 23  ARG A CZ  1 
ATOM   180 N NH1 . ARG A 1 23 ? -12.282 4.965   7.451   1.00 25.29 ? 23  ARG A NH1 1 
ATOM   181 N NH2 . ARG A 1 23 ? -12.836 3.701   9.289   1.00 25.34 ? 23  ARG A NH2 1 
ATOM   182 N N   . VAL A 1 24 ? -6.158  3.229   4.145   1.00 14.20 ? 24  VAL A N   1 
ATOM   183 C CA  . VAL A 1 24 ? -4.956  3.290   3.323   1.00 13.67 ? 24  VAL A CA  1 
ATOM   184 C C   . VAL A 1 24 ? -3.766  2.807   4.126   1.00 13.40 ? 24  VAL A C   1 
ATOM   185 O O   . VAL A 1 24 ? -3.760  2.824   5.359   1.00 15.50 ? 24  VAL A O   1 
ATOM   186 C CB  . VAL A 1 24 ? -4.640  4.714   2.797   1.00 14.75 ? 24  VAL A CB  1 
ATOM   187 C CG1 . VAL A 1 24 ? -5.745  5.225   1.904   1.00 16.57 ? 24  VAL A CG1 1 
ATOM   188 C CG2 . VAL A 1 24 ? -4.400  5.687   3.951   1.00 15.26 ? 24  VAL A CG2 1 
ATOM   189 N N   . VAL A 1 25 ? -2.742  2.378   3.408   1.00 13.58 ? 25  VAL A N   1 
ATOM   190 C CA  . VAL A 1 25 ? -1.395  2.267   3.943   1.00 14.46 ? 25  VAL A CA  1 
ATOM   191 C C   . VAL A 1 25 ? -0.580  3.373   3.304   1.00 13.28 ? 25  VAL A C   1 
ATOM   192 O O   . VAL A 1 25 ? -0.477  3.443   2.072   1.00 14.55 ? 25  VAL A O   1 
ATOM   193 C CB  . VAL A 1 25 ? -0.776  0.895   3.645   1.00 16.89 ? 25  VAL A CB  1 
ATOM   194 C CG1 . VAL A 1 25 ? 0.662   0.840   4.143   1.00 19.80 ? 25  VAL A CG1 1 
ATOM   195 C CG2 . VAL A 1 25 ? -1.599  -0.219  4.268   1.00 19.98 ? 25  VAL A CG2 1 
ATOM   196 N N   . ILE A 1 26 ? -0.005  4.241   4.114   1.00 13.18 ? 26  ILE A N   1 
ATOM   197 C CA  . ILE A 1 26 ? 0.846   5.321   3.626   1.00 14.66 ? 26  ILE A CA  1 
ATOM   198 C C   . ILE A 1 26 ? 2.267   4.793   3.513   1.00 15.49 ? 26  ILE A C   1 
ATOM   199 O O   . ILE A 1 26 ? 2.785   4.190   4.455   1.00 17.60 ? 26  ILE A O   1 
ATOM   200 C CB  . ILE A 1 26 ? 0.779   6.531   4.573   1.00 17.51 ? 26  ILE A CB  1 
ATOM   201 C CG1 . ILE A 1 26 ? -0.632  7.119   4.566   1.00 20.35 ? 26  ILE A CG1 1 
ATOM   202 C CG2 . ILE A 1 26 ? 1.825   7.573   4.185   1.00 18.94 ? 26  ILE A CG2 1 
ATOM   203 C CD1 . ILE A 1 26 ? -0.879  8.136   5.660   1.00 23.21 ? 26  ILE A CD1 1 
ATOM   204 N N   . ILE A 1 27 ? 2.895   4.990   2.362   1.00 15.17 ? 27  ILE A N   1 
ATOM   205 C CA  . ILE A 1 27 ? 4.251   4.477   2.173   1.00 17.13 ? 27  ILE A CA  1 
ATOM   206 C C   . ILE A 1 27 ? 5.232   5.637   2.092   1.00 17.27 ? 27  ILE A C   1 
ATOM   207 O O   . ILE A 1 27 ? 5.300   6.325   1.061   1.00 18.24 ? 27  ILE A O   1 
ATOM   208 C CB  . ILE A 1 27 ? 4.360   3.612   0.913   1.00 19.40 ? 27  ILE A CB  1 
ATOM   209 C CG1 . ILE A 1 27 ? 3.229   2.581   0.871   1.00 23.67 ? 27  ILE A CG1 1 
ATOM   210 C CG2 . ILE A 1 27 ? 5.729   2.923   0.876   1.00 20.44 ? 27  ILE A CG2 1 
ATOM   211 C CD1 . ILE A 1 27 ? 3.220   1.737   -0.389  1.00 28.23 ? 27  ILE A CD1 1 
ATOM   212 N N   . PRO A 1 28 ? 6.020   5.872   3.133   1.00 19.91 ? 28  PRO A N   1 
ATOM   213 C CA  . PRO A 1 28 ? 6.927   7.023   3.122   1.00 23.86 ? 28  PRO A CA  1 
ATOM   214 C C   . PRO A 1 28 ? 8.078   6.828   2.145   1.00 19.59 ? 28  PRO A C   1 
ATOM   215 O O   . PRO A 1 28 ? 8.380   5.719   1.709   1.00 17.43 ? 28  PRO A O   1 
ATOM   216 C CB  . PRO A 1 28 ? 7.426   7.114   4.568   1.00 28.67 ? 28  PRO A CB  1 
ATOM   217 C CG  . PRO A 1 28 ? 7.136   5.785   5.165   1.00 30.10 ? 28  PRO A CG  1 
ATOM   218 C CD  . PRO A 1 28 ? 5.980   5.191   4.441   1.00 25.17 ? 28  PRO A CD  1 
ATOM   219 N N   . LYS A 1 29 ? 8.730   7.944   1.811   1.00 19.82 ? 29  LYS A N   1 
ATOM   220 C CA  . LYS A 1 29 ? 9.756   7.934   0.771   1.00 22.56 ? 29  LYS A CA  1 
ATOM   221 C C   . LYS A 1 29 ? 10.895  6.975   1.102   1.00 19.37 ? 29  LYS A C   1 
ATOM   222 O O   . LYS A 1 29 ? 11.391  6.268   0.217   1.00 18.04 ? 29  LYS A O   1 
ATOM   223 C CB  . LYS A 1 29 ? 10.276  9.351   0.535   1.00 29.79 ? 29  LYS A CB  1 
ATOM   224 C CG  . LYS A 1 29 ? 9.209   10.301  0.008   1.00 34.76 ? 29  LYS A CG  1 
ATOM   225 C CD  . LYS A 1 29 ? 9.658   11.746  0.141   1.00 40.61 ? 29  LYS A CD  1 
ATOM   226 C CE  . LYS A 1 29 ? 8.579   12.713  -0.316  1.00 45.39 ? 29  LYS A CE  1 
ATOM   227 N NZ  . LYS A 1 29 ? 9.133   14.079  -0.529  1.00 49.48 ? 29  LYS A NZ  1 
ATOM   228 N N   . ALA A 1 30 ? 11.319  6.931   2.369   1.00 20.08 ? 30  ALA A N   1 
ATOM   229 C CA  . ALA A 1 30 ? 12.426  6.055   2.743   1.00 19.82 ? 30  ALA A CA  1 
ATOM   230 C C   . ALA A 1 30 ? 12.080  4.589   2.501   1.00 17.37 ? 30  ALA A C   1 
ATOM   231 O O   . ALA A 1 30 ? 12.905  3.832   1.981   1.00 17.76 ? 30  ALA A O   1 
ATOM   232 C CB  . ALA A 1 30 ? 12.838  6.292   4.199   1.00 23.88 ? 30  ALA A CB  1 
ATOM   233 N N   . GLU A 1 31 ? 10.859  4.179   2.862   1.00 18.62 ? 31  GLU A N   1 
ATOM   234 C CA  . GLU A 1 31 ? 10.441  2.801   2.623   1.00 19.40 ? 31  GLU A CA  1 
ATOM   235 C C   . GLU A 1 31 ? 10.330  2.507   1.136   1.00 18.27 ? 31  GLU A C   1 
ATOM   236 O O   . GLU A 1 31 ? 10.654  1.400   0.692   1.00 18.69 ? 31  GLU A O   1 
ATOM   237 C CB  . GLU A 1 31 ? 9.099   2.522   3.301   1.00 23.66 ? 31  GLU A CB  1 
ATOM   238 C CG  . GLU A 1 31 ? 9.195   1.930   4.681   1.00 33.56 ? 31  GLU A CG  1 
ATOM   239 C CD  . GLU A 1 31 ? 9.589   2.937   5.729   1.00 40.67 ? 31  GLU A CD  1 
ATOM   240 O OE1 . GLU A 1 31 ? 9.766   4.126   5.398   1.00 41.72 ? 31  GLU A OE1 1 
ATOM   241 O OE2 . GLU A 1 31 ? 9.718   2.541   6.903   1.00 44.37 ? 31  GLU A OE2 1 
ATOM   242 N N   . ARG A 1 32 ? 9.848   3.479   0.346   1.00 16.72 ? 32  ARG A N   1 
ATOM   243 C CA  . ARG A 1 32 ? 9.786   3.279   -1.100  1.00 16.15 ? 32  ARG A CA  1 
ATOM   244 C C   . ARG A 1 32 ? 11.169  3.039   -1.671  1.00 15.52 ? 32  ARG A C   1 
ATOM   245 O O   . ARG A 1 32 ? 11.351  2.169   -2.532  1.00 17.91 ? 32  ARG A O   1 
ATOM   246 C CB  . ARG A 1 32 ? 9.095   4.461   -1.796  1.00 17.36 ? 32  ARG A CB  1 
ATOM   247 C CG  . ARG A 1 32 ? 7.715   4.728   -1.199  1.00 23.91 ? 32  ARG A CG  1 
ATOM   248 C CD  . ARG A 1 32 ? 6.710   5.418   -2.080  1.00 29.70 ? 32  ARG A CD  1 
ATOM   249 N NE  . ARG A 1 32 ? 7.195   6.665   -2.653  1.00 27.04 ? 32  ARG A NE  1 
ATOM   250 C CZ  . ARG A 1 32 ? 7.080   7.863   -2.083  1.00 26.15 ? 32  ARG A CZ  1 
ATOM   251 N NH1 . ARG A 1 32 ? 6.517   8.002   -0.888  1.00 23.10 ? 32  ARG A NH1 1 
ATOM   252 N NH2 . ARG A 1 32 ? 7.539   8.934   -2.719  1.00 27.31 ? 32  ARG A NH2 1 
ATOM   253 N N   . ALA A 1 33 ? 12.176  3.752   -1.153  1.00 16.54 ? 33  ALA A N   1 
ATOM   254 C CA  . ALA A 1 33 ? 13.542  3.520   -1.600  1.00 17.89 ? 33  ALA A CA  1 
ATOM   255 C C   . ALA A 1 33 ? 14.020  2.137   -1.192  1.00 18.92 ? 33  ALA A C   1 
ATOM   256 O O   . ALA A 1 33 ? 14.652  1.426   -1.987  1.00 22.20 ? 33  ALA A O   1 
ATOM   257 C CB  . ALA A 1 33 ? 14.472  4.593   -1.030  1.00 20.03 ? 33  ALA A CB  1 
ATOM   258 N N   . LYS A 1 34 ? 13.725  1.730   0.039   1.00 18.45 ? 34  LYS A N   1 
ATOM   259 C CA  . LYS A 1 34 ? 14.198  0.437   0.510   1.00 20.90 ? 34  LYS A CA  1 
ATOM   260 C C   . LYS A 1 34 ? 13.614  -0.717  -0.305  1.00 21.25 ? 34  LYS A C   1 
ATOM   261 O O   . LYS A 1 34 ? 14.333  -1.641  -0.691  1.00 22.33 ? 34  LYS A O   1 
ATOM   262 C CB  . LYS A 1 34 ? 13.864  0.278   1.985   1.00 24.25 ? 34  LYS A CB  1 
ATOM   263 C CG  . LYS A 1 34 ? 14.276  -1.069  2.544   1.00 25.11 ? 34  LYS A CG  1 
ATOM   264 C CD  . LYS A 1 34 ? 13.895  -1.197  4.001   1.00 28.82 ? 34  LYS A CD  1 
ATOM   265 C CE  . LYS A 1 34 ? 14.351  -2.535  4.566   1.00 30.94 ? 34  LYS A CE  1 
ATOM   266 N NZ  . LYS A 1 34 ? 14.096  -2.611  6.026   1.00 33.11 ? 34  LYS A NZ  1 
ATOM   267 N N   A VAL A 1 35 ? 12.308  -0.688  -0.582  0.56 18.23 ? 35  VAL A N   1 
ATOM   268 N N   B VAL A 1 35 ? 12.312  -0.666  -0.593  0.44 18.41 ? 35  VAL A N   1 
ATOM   269 C CA  A VAL A 1 35 ? 11.670  -1.819  -1.252  0.56 19.99 ? 35  VAL A CA  1 
ATOM   270 C CA  B VAL A 1 35 ? 11.634  -1.786  -1.237  0.44 19.78 ? 35  VAL A CA  1 
ATOM   271 C C   A VAL A 1 35 ? 11.545  -1.627  -2.756  0.56 19.76 ? 35  VAL A C   1 
ATOM   272 C C   B VAL A 1 35 ? 11.574  -1.632  -2.752  0.44 19.28 ? 35  VAL A C   1 
ATOM   273 O O   A VAL A 1 35 ? 11.118  -2.561  -3.458  0.56 22.09 ? 35  VAL A O   1 
ATOM   274 O O   B VAL A 1 35 ? 11.251  -2.595  -3.461  0.44 20.18 ? 35  VAL A O   1 
ATOM   275 C CB  A VAL A 1 35 ? 10.310  -2.173  -0.616  0.56 22.88 ? 35  VAL A CB  1 
ATOM   276 C CB  B VAL A 1 35 ? 10.286  -2.010  -0.514  0.44 23.09 ? 35  VAL A CB  1 
ATOM   277 C CG1 A VAL A 1 35 ? 10.471  -2.408  0.870   0.56 24.75 ? 35  VAL A CG1 1 
ATOM   278 C CG1 B VAL A 1 35 ? 9.432   -3.072  -1.195  0.44 23.49 ? 35  VAL A CG1 1 
ATOM   279 C CG2 A VAL A 1 35 ? 9.326   -1.062  -0.849  0.56 21.65 ? 35  VAL A CG2 1 
ATOM   280 C CG2 B VAL A 1 35 ? 10.544  -2.393  0.936   0.44 24.48 ? 35  VAL A CG2 1 
ATOM   281 N N   . GLY A 1 36 ? 11.894  -0.452  -3.273  1.00 20.15 ? 36  GLY A N   1 
ATOM   282 C CA  . GLY A 1 36 ? 11.872  -0.229  -4.705  1.00 22.62 ? 36  GLY A CA  1 
ATOM   283 C C   . GLY A 1 36 ? 10.509  0.052   -5.290  1.00 23.38 ? 36  GLY A C   1 
ATOM   284 O O   . GLY A 1 36 ? 10.225  -0.366  -6.421  1.00 27.34 ? 36  GLY A O   1 
ATOM   285 N N   . ILE A 1 37 ? 9.667   0.766   -4.569  1.00 20.60 ? 37  ILE A N   1 
ATOM   286 C CA  . ILE A 1 37 ? 8.295   1.026   -4.986  1.00 20.45 ? 37  ILE A CA  1 
ATOM   287 C C   . ILE A 1 37 ? 8.225   2.369   -5.687  1.00 20.84 ? 37  ILE A C   1 
ATOM   288 O O   . ILE A 1 37 ? 8.781   3.368   -5.213  1.00 22.84 ? 37  ILE A O   1 
ATOM   289 C CB  . ILE A 1 37 ? 7.337   1.006   -3.777  1.00 22.64 ? 37  ILE A CB  1 
ATOM   290 C CG1 . ILE A 1 37 ? 6.943   -0.420  -3.410  1.00 25.53 ? 37  ILE A CG1 1 
ATOM   291 C CG2 . ILE A 1 37 ? 6.083   1.852   -4.058  1.00 24.26 ? 37  ILE A CG2 1 
ATOM   292 C CD1 . ILE A 1 37 ? 6.127   -0.501  -2.133  1.00 26.68 ? 37  ILE A CD1 1 
ATOM   293 N N   . LYS A 1 38 ? 7.513   2.393   -6.787  1.00 21.67 ? 38  LYS A N   1 
ATOM   294 C CA  . LYS A 1 38 ? 7.147   3.597   -7.554  1.00 24.38 ? 38  LYS A CA  1 
ATOM   295 C C   . LYS A 1 38 ? 5.613   3.644   -7.594  1.00 20.12 ? 38  LYS A C   1 
ATOM   296 O O   . LYS A 1 38 ? 5.025   2.653   -7.605  1.00 20.48 ? 38  LYS A O   1 
ATOM   297 C CB  . LYS A 1 38 ? 7.660   3.498   -9.004  1.00 31.68 ? 38  LYS A CB  1 
ATOM   298 C CG  . LYS A 1 38 ? 9.157   3.291   -9.154  1.00 40.41 ? 38  LYS A CG  1 
ATOM   299 C CD  . LYS A 1 38 ? 9.904   4.540   -9.471  1.00 47.30 ? 38  LYS A CD  1 
ATOM   300 C CE  . LYS A 1 38 ? 11.416  4.402   -9.607  1.00 52.36 ? 38  LYS A CE  1 
ATOM   301 N NZ  . LYS A 1 38 ? 12.133  3.814   -8.438  1.00 55.80 ? 38  LYS A NZ  1 
ATOM   302 N N   . VAL A 1 39 ? 5.062   4.850   -7.672  1.00 18.66 ? 39  VAL A N   1 
ATOM   303 C CA  . VAL A 1 39 ? 3.626   4.939   -7.899  1.00 18.14 ? 39  VAL A CA  1 
ATOM   304 C C   . VAL A 1 39 ? 3.282   4.152   -9.162  1.00 17.17 ? 39  VAL A C   1 
ATOM   305 O O   . VAL A 1 39 ? 4.009   4.205   -10.166 1.00 19.32 ? 39  VAL A O   1 
ATOM   306 C CB  . VAL A 1 39 ? 3.143   6.400   -7.941  1.00 21.28 ? 39  VAL A CB  1 
ATOM   307 C CG1 . VAL A 1 39 ? 3.910   7.194   -8.990  1.00 23.54 ? 39  VAL A CG1 1 
ATOM   308 C CG2 . VAL A 1 39 ? 1.645   6.467   -8.220  1.00 26.20 ? 39  VAL A CG2 1 
ATOM   309 N N   . GLY A 1 40 ? 2.196   3.369   -9.103  1.00 16.89 ? 40  GLY A N   1 
ATOM   310 C CA  . GLY A 1 40 ? 1.824   2.471   -10.184 1.00 18.27 ? 40  GLY A CA  1 
ATOM   311 C C   . GLY A 1 40 ? 2.290   1.039   -10.007 1.00 17.61 ? 40  GLY A C   1 
ATOM   312 O O   . GLY A 1 40 ? 1.818   0.155   -10.734 1.00 21.11 ? 40  GLY A O   1 
ATOM   313 N N   . ASP A 1 41 ? 3.186   0.772   -9.053  1.00 16.32 ? 41  ASP A N   1 
ATOM   314 C CA  . ASP A 1 41 ? 3.703   -0.577  -8.858  1.00 16.29 ? 41  ASP A CA  1 
ATOM   315 C C   . ASP A 1 41 ? 2.688   -1.463  -8.144  1.00 16.08 ? 41  ASP A C   1 
ATOM   316 O O   . ASP A 1 41 ? 1.963   -1.015  -7.244  1.00 16.19 ? 41  ASP A O   1 
ATOM   317 C CB  . ASP A 1 41 ? 4.983   -0.557  -8.023  1.00 16.40 ? 41  ASP A CB  1 
ATOM   318 C CG  . ASP A 1 41 ? 6.202   -0.108  -8.802  1.00 18.24 ? 41  ASP A CG  1 
ATOM   319 O OD1 . ASP A 1 41 ? 6.136   0.080   -10.039 1.00 21.50 ? 41  ASP A OD1 1 
ATOM   320 O OD2 . ASP A 1 41 ? 7.256   0.041   -8.139  1.00 20.34 ? 41  ASP A OD2 1 
ATOM   321 N N   . VAL A 1 42 ? 2.655   -2.725  -8.531  1.00 16.75 ? 42  VAL A N   1 
ATOM   322 C CA  . VAL A 1 42 ? 1.855   -3.741  -7.868  1.00 17.01 ? 42  VAL A CA  1 
ATOM   323 C C   . VAL A 1 42 ? 2.557   -4.176  -6.585  1.00 14.74 ? 42  VAL A C   1 
ATOM   324 O O   . VAL A 1 42 ? 3.764   -4.464  -6.574  1.00 15.73 ? 42  VAL A O   1 
ATOM   325 C CB  . VAL A 1 42 ? 1.622   -4.931  -8.812  1.00 18.06 ? 42  VAL A CB  1 
ATOM   326 C CG1 . VAL A 1 42 ? 0.951   -6.089  -8.090  1.00 19.62 ? 42  VAL A CG1 1 
ATOM   327 C CG2 . VAL A 1 42 ? 0.791   -4.493  -10.018 1.00 20.65 ? 42  VAL A CG2 1 
ATOM   328 N N   . VAL A 1 43 ? 1.788   -4.241  -5.503  1.00 14.70 ? 43  VAL A N   1 
ATOM   329 C CA  . VAL A 1 43 ? 2.256   -4.710  -4.210  1.00 14.79 ? 43  VAL A CA  1 
ATOM   330 C C   . VAL A 1 43 ? 1.264   -5.731  -3.671  1.00 14.83 ? 43  VAL A C   1 
ATOM   331 O O   . VAL A 1 43 ? 0.118   -5.825  -4.119  1.00 16.14 ? 43  VAL A O   1 
ATOM   332 C CB  . VAL A 1 43 ? 2.438   -3.558  -3.197  1.00 15.49 ? 43  VAL A CB  1 
ATOM   333 C CG1 . VAL A 1 43 ? 3.520   -2.589  -3.675  1.00 16.71 ? 43  VAL A CG1 1 
ATOM   334 C CG2 . VAL A 1 43 ? 1.115   -2.835  -2.946  1.00 17.02 ? 43  VAL A CG2 1 
ATOM   335 N N   . GLU A 1 44 ? 1.728   -6.514  -2.704  1.00 14.73 ? 44  GLU A N   1 
ATOM   336 C CA  . GLU A 1 44 ? 0.894   -7.466  -1.989  1.00 16.24 ? 44  GLU A CA  1 
ATOM   337 C C   . GLU A 1 44 ? 0.860   -7.030  -0.531  1.00 17.15 ? 44  GLU A C   1 
ATOM   338 O O   . GLU A 1 44 ? 1.911   -6.797  0.077   1.00 19.87 ? 44  GLU A O   1 
ATOM   339 C CB  . GLU A 1 44 ? 1.481   -8.879  -2.126  1.00 19.87 ? 44  GLU A CB  1 
ATOM   340 C CG  . GLU A 1 44 ? 0.553   -10.024 -1.755  1.00 25.82 ? 44  GLU A CG  1 
ATOM   341 C CD  . GLU A 1 44 ? 1.062   -11.361 -2.276  1.00 32.80 ? 44  GLU A CD  1 
ATOM   342 O OE1 . GLU A 1 44 ? 0.502   -11.867 -3.270  1.00 36.14 ? 44  GLU A OE1 1 
ATOM   343 O OE2 . GLU A 1 44 ? 2.030   -11.896 -1.704  1.00 34.86 ? 44  GLU A OE2 1 
ATOM   344 N N   . VAL A 1 45 ? -0.339  -6.891  0.013   1.00 16.54 ? 45  VAL A N   1 
ATOM   345 C CA  . VAL A 1 45 ? -0.556  -6.467  1.388   1.00 16.31 ? 45  VAL A CA  1 
ATOM   346 C C   . VAL A 1 45 ? -1.010  -7.679  2.178   1.00 15.90 ? 45  VAL A C   1 
ATOM   347 O O   . VAL A 1 45 ? -1.961  -8.364  1.782   1.00 17.81 ? 45  VAL A O   1 
ATOM   348 C CB  . VAL A 1 45 ? -1.610  -5.350  1.464   1.00 17.32 ? 45  VAL A CB  1 
ATOM   349 C CG1 . VAL A 1 45 ? -1.837  -4.937  2.915   1.00 18.21 ? 45  VAL A CG1 1 
ATOM   350 C CG2 . VAL A 1 45 ? -1.185  -4.159  0.595   1.00 19.17 ? 45  VAL A CG2 1 
ATOM   351 N N   . LYS A 1 46 ? -0.342  -7.938  3.296   1.00 16.78 ? 46  LYS A N   1 
ATOM   352 C CA  . LYS A 1 46 ? -0.643  -9.085  4.143   1.00 16.80 ? 46  LYS A CA  1 
ATOM   353 C C   . LYS A 1 46 ? -1.005  -8.605  5.543   1.00 14.10 ? 46  LYS A C   1 
ATOM   354 O O   . LYS A 1 46 ? -0.283  -7.792  6.126   1.00 15.54 ? 46  LYS A O   1 
ATOM   355 C CB  . LYS A 1 46 ? 0.569   -10.016 4.216   1.00 21.48 ? 46  LYS A CB  1 
ATOM   356 C CG  . LYS A 1 46 ? 0.303   -11.299 4.973   1.00 25.11 ? 46  LYS A CG  1 
ATOM   357 C CD  . LYS A 1 46 ? 1.506   -12.224 4.964   1.00 29.70 ? 46  LYS A CD  1 
ATOM   358 C CE  . LYS A 1 46 ? 2.694   -11.594 5.665   1.00 32.91 ? 46  LYS A CE  1 
ATOM   359 N NZ  . LYS A 1 46 ? 3.748   -12.605 5.960   1.00 36.92 ? 46  LYS A NZ  1 
ATOM   360 N N   . LYS A 1 47 ? -2.091  -9.132  6.101   1.00 16.00 ? 47  LYS A N   1 
ATOM   361 C CA  . LYS A 1 47 ? -2.400  -8.880  7.501   1.00 17.00 ? 47  LYS A CA  1 
ATOM   362 C C   . LYS A 1 47 ? -1.460  -9.685  8.391   1.00 15.93 ? 47  LYS A C   1 
ATOM   363 O O   . LYS A 1 47 ? -1.315  -10.899 8.229   1.00 17.43 ? 47  LYS A O   1 
ATOM   364 C CB  . LYS A 1 47 ? -3.843  -9.272  7.811   1.00 23.96 ? 47  LYS A CB  1 
ATOM   365 C CG  . LYS A 1 47 ? -4.290  -8.840  9.209   1.00 27.50 ? 47  LYS A CG  1 
ATOM   366 C CD  . LYS A 1 47 ? -5.205  -9.855  9.858   1.00 31.65 ? 47  LYS A CD  1 
ATOM   367 C CE  . LYS A 1 47 ? -5.909  -9.257  11.069  1.00 32.59 ? 47  LYS A CE  1 
ATOM   368 N NZ  . LYS A 1 47 ? -5.209  -8.063  11.598  1.00 32.31 ? 47  LYS A NZ  1 
ATOM   369 N N   . VAL A 1 48 ? -0.829  -9.012  9.349   1.00 17.19 ? 48  VAL A N   1 
ATOM   370 C CA  . VAL A 1 48 ? 0.096   -9.679  10.262  1.00 19.85 ? 48  VAL A CA  1 
ATOM   371 C C   . VAL A 1 48 ? -0.649  -10.309 11.429  1.00 22.30 ? 48  VAL A C   1 
ATOM   372 O O   . VAL A 1 48 ? -1.586  -9.720  11.968  1.00 25.93 ? 48  VAL A O   1 
ATOM   373 C CB  . VAL A 1 48 ? 1.187   -8.700  10.740  1.00 19.18 ? 48  VAL A CB  1 
ATOM   374 C CG1 . VAL A 1 48 ? 2.123   -9.377  11.728  1.00 20.71 ? 48  VAL A CG1 1 
ATOM   375 C CG2 . VAL A 1 48 ? 1.972   -8.183  9.564   1.00 19.08 ? 48  VAL A CG2 1 
ATOM   376 O OXT . VAL A 1 48 ? -0.331  -11.418 11.858  1.00 25.89 ? 48  VAL A OXT 1 
HETATM 377 S S   . SO4 B 2 .  ? -12.626 -0.050  9.836   1.00 26.71 ? 101 SO4 A S   1 
HETATM 378 O O1  . SO4 B 2 .  ? -12.864 1.195   10.563  1.00 33.78 ? 101 SO4 A O1  1 
HETATM 379 O O2  . SO4 B 2 .  ? -11.614 -0.829  10.546  1.00 28.12 ? 101 SO4 A O2  1 
HETATM 380 O O3  . SO4 B 2 .  ? -13.872 -0.809  9.780   1.00 37.98 ? 101 SO4 A O3  1 
HETATM 381 O O4  . SO4 B 2 .  ? -12.173 0.265   8.488   1.00 26.08 ? 101 SO4 A O4  1 
HETATM 382 O O   . HOH C 3 .  ? 9.817   4.819   7.227   1.00 48.33 ? 201 HOH A O   1 
HETATM 383 O O   . HOH C 3 .  ? -2.789  -14.588 -2.225  1.00 53.00 ? 202 HOH A O   1 
HETATM 384 O O   . HOH C 3 .  ? -2.958  14.247  -5.400  1.00 34.33 ? 203 HOH A O   1 
HETATM 385 O O   . HOH C 3 .  ? -6.657  14.293  -9.201  1.00 43.09 ? 204 HOH A O   1 
HETATM 386 O O   . HOH C 3 .  ? 3.495   -13.560 -2.751  1.00 53.85 ? 205 HOH A O   1 
HETATM 387 O O   . HOH C 3 .  ? 1.477   -12.918 10.908  1.00 45.09 ? 206 HOH A O   1 
HETATM 388 O O   . HOH C 3 .  ? 13.702  2.668   -6.750  1.00 61.48 ? 207 HOH A O   1 
HETATM 389 O O   . HOH C 3 .  ? -2.153  -7.199  12.221  1.00 26.77 ? 208 HOH A O   1 
HETATM 390 O O   . HOH C 3 .  ? 0.061   16.018  -5.308  1.00 49.57 ? 209 HOH A O   1 
HETATM 391 O O   . HOH C 3 .  ? -14.031 9.362   -3.646  1.00 50.89 ? 210 HOH A O   1 
HETATM 392 O O   . HOH C 3 .  ? -13.334 6.998   -4.688  0.50 52.87 ? 211 HOH A O   1 
HETATM 393 O O   . HOH C 3 .  ? -5.376  -12.496 7.483   1.00 25.93 ? 212 HOH A O   1 
HETATM 394 O O   . HOH C 3 .  ? 16.762  -2.358  0.003   1.00 46.24 ? 213 HOH A O   1 
HETATM 395 O O   . HOH C 3 .  ? -6.227  -12.119 11.661  1.00 42.64 ? 214 HOH A O   1 
HETATM 396 O O   . HOH C 3 .  ? -4.240  1.674   -4.128  1.00 20.56 ? 215 HOH A O   1 
HETATM 397 O O   . HOH C 3 .  ? -14.180 8.313   1.695   1.00 43.78 ? 216 HOH A O   1 
HETATM 398 O O   . HOH C 3 .  ? 2.601   -11.176 0.804   1.00 41.12 ? 217 HOH A O   1 
HETATM 399 O O   . HOH C 3 .  ? -5.832  8.104   -5.630  1.00 27.94 ? 218 HOH A O   1 
HETATM 400 O O   . HOH C 3 .  ? 2.934   -15.129 6.472   1.00 32.37 ? 219 HOH A O   1 
HETATM 401 O O   . HOH C 3 .  ? 6.385   -1.994  -11.840 1.00 42.48 ? 220 HOH A O   1 
HETATM 402 O O   . HOH C 3 .  ? 5.137   2.121   -11.603 1.00 22.36 ? 221 HOH A O   1 
HETATM 403 O O   . HOH C 3 .  ? -12.460 -1.009  13.171  1.00 57.44 ? 222 HOH A O   1 
HETATM 404 O O   . HOH C 3 .  ? -6.540  16.021  -4.668  1.00 27.00 ? 223 HOH A O   1 
HETATM 405 O O   . HOH C 3 .  ? -1.362  3.605   -9.571  1.00 16.34 ? 224 HOH A O   1 
HETATM 406 O O   . HOH C 3 .  ? -9.948  13.957  -5.835  1.00 26.55 ? 225 HOH A O   1 
HETATM 407 O O   . HOH C 3 .  ? 5.924   5.879   -11.436 1.00 27.30 ? 226 HOH A O   1 
HETATM 408 O O   . HOH C 3 .  ? 3.856   8.776   1.156   1.00 21.41 ? 227 HOH A O   1 
HETATM 409 O O   . HOH C 3 .  ? 10.777  8.823   4.439   1.00 36.76 ? 228 HOH A O   1 
HETATM 410 O O   . HOH C 3 .  ? -5.953  -9.573  -4.622  1.00 26.81 ? 229 HOH A O   1 
HETATM 411 O O   . HOH C 3 .  ? 4.240   -3.461  -10.848 1.00 24.35 ? 230 HOH A O   1 
HETATM 412 O O   . HOH C 3 .  ? -4.291  12.382  -10.174 1.00 42.88 ? 231 HOH A O   1 
HETATM 413 O O   . HOH C 3 .  ? -13.741 11.465  -8.683  1.00 30.87 ? 232 HOH A O   1 
HETATM 414 O O   . HOH C 3 .  ? 14.681  2.037   -4.915  1.00 38.76 ? 233 HOH A O   1 
HETATM 415 O O   . HOH C 3 .  ? -2.764  7.441   -8.528  1.00 17.96 ? 234 HOH A O   1 
HETATM 416 O O   . HOH C 3 .  ? -1.628  -18.266 9.009   1.00 46.67 ? 235 HOH A O   1 
HETATM 417 O O   . HOH C 3 .  ? 7.530   10.386  3.221   1.00 43.04 ? 236 HOH A O   1 
HETATM 418 O O   . HOH C 3 .  ? 3.126   -9.090  1.909   0.50 32.99 ? 237 HOH A O   1 
HETATM 419 O O   . HOH C 3 .  ? -4.011  9.735   -8.503  1.00 33.95 ? 238 HOH A O   1 
HETATM 420 O O   . HOH C 3 .  ? 3.168   5.709   7.321   1.00 36.75 ? 239 HOH A O   1 
HETATM 421 O O   . HOH C 3 .  ? -11.490 15.552  -5.208  1.00 57.70 ? 240 HOH A O   1 
HETATM 422 O O   . HOH C 3 .  ? -8.017  15.524  -7.146  1.00 33.19 ? 241 HOH A O   1 
HETATM 423 O O   . HOH C 3 .  ? 1.327   17.146  -7.559  1.00 53.24 ? 242 HOH A O   1 
HETATM 424 O O   . HOH C 3 .  ? -4.485  -11.853 -5.652  1.00 45.31 ? 243 HOH A O   1 
HETATM 425 O O   . HOH C 3 .  ? -6.017  2.865   -5.998  1.00 29.90 ? 244 HOH A O   1 
HETATM 426 O O   . HOH C 3 .  ? -6.899  5.511   -6.368  1.00 36.94 ? 245 HOH A O   1 
HETATM 427 O O   . HOH C 3 .  ? -4.409  5.418   -8.663  0.50 30.41 ? 246 HOH A O   1 
HETATM 428 O O   . HOH C 3 .  ? 7.023   3.395   -13.755 0.50 54.58 ? 247 HOH A O   1 
# 
loop_
_atom_site_anisotrop.id 
_atom_site_anisotrop.type_symbol 
_atom_site_anisotrop.pdbx_label_atom_id 
_atom_site_anisotrop.pdbx_label_alt_id 
_atom_site_anisotrop.pdbx_label_comp_id 
_atom_site_anisotrop.pdbx_label_asym_id 
_atom_site_anisotrop.pdbx_label_seq_id 
_atom_site_anisotrop.pdbx_PDB_ins_code 
_atom_site_anisotrop.U[1][1] 
_atom_site_anisotrop.U[2][2] 
_atom_site_anisotrop.U[3][3] 
_atom_site_anisotrop.U[1][2] 
_atom_site_anisotrop.U[1][3] 
_atom_site_anisotrop.U[2][3] 
_atom_site_anisotrop.pdbx_auth_seq_id 
_atom_site_anisotrop.pdbx_auth_comp_id 
_atom_site_anisotrop.pdbx_auth_asym_id 
_atom_site_anisotrop.pdbx_auth_atom_id 
1   N N   . GLY A 1  ? 0.6555 0.6234 0.6798 0.0520  -0.0568 0.0001  1  GLY A N   
2   C CA  . GLY A 1  ? 0.6600 0.6489 0.6770 0.0074  -0.0580 0.0240  1  GLY A CA  
3   C C   . GLY A 1  ? 0.6537 0.6910 0.6682 -0.0385 -0.0531 0.0561  1  GLY A C   
4   O O   . GLY A 1  ? 0.6547 0.7208 0.6531 -0.0386 -0.0522 0.0656  1  GLY A O   
5   N N   . PRO A 2  ? 0.6459 0.6891 0.6719 -0.0695 -0.0438 0.0843  2  PRO A N   
6   C CA  . PRO A 2  ? 0.6307 0.7039 0.6787 -0.0646 -0.0408 0.0974  2  PRO A CA  
7   C C   . PRO A 2  ? 0.5844 0.6580 0.6984 -0.0050 -0.0512 0.0809  2  PRO A C   
8   O O   . PRO A 2  ? 0.5692 0.6436 0.6928 0.0756  -0.0601 0.0773  2  PRO A O   
9   C CB  . PRO A 2  ? 0.6538 0.7288 0.6720 -0.0968 -0.0316 0.1101  2  PRO A CB  
10  C CG  . PRO A 2  ? 0.6676 0.7234 0.6723 -0.1137 -0.0310 0.1125  2  PRO A CG  
11  C CD  . PRO A 2  ? 0.6662 0.7061 0.6692 -0.1027 -0.0334 0.1005  2  PRO A CD  
12  N N   . MET A 3  ? 0.5421 0.6328 0.7240 -0.0297 -0.0601 0.0799  3  MET A N   
13  C CA  . MET A 3  ? 0.5368 0.6005 0.7442 -0.0756 -0.0623 0.0865  3  MET A CA  
14  C C   . MET A 3  ? 0.4442 0.5101 0.7097 -0.0715 -0.0855 0.0345  3  MET A C   
15  O O   . MET A 3  ? 0.3733 0.4423 0.7032 -0.0921 -0.0724 0.0093  3  MET A O   
16  C CB  . MET A 3  ? 0.6073 0.6903 0.7972 -0.1325 -0.0518 0.1415  3  MET A CB  
17  C CG  . MET A 3  ? 0.6603 0.8070 0.8508 -0.1949 -0.0497 0.1834  3  MET A CG  
18  S SD  . MET A 3  ? 0.7044 0.8997 0.9019 -0.2378 -0.0302 0.2108  3  MET A SD  
19  C CE  . MET A 3  ? 0.7263 0.9650 0.9095 -0.2660 -0.0462 0.2318  3  MET A CE  
20  N N   . PRO A 4  ? 0.4134 0.4899 0.6570 -0.0567 -0.1138 0.0474  4  PRO A N   
21  C CA  . PRO A 4  ? 0.3829 0.4909 0.6443 -0.0728 -0.1425 0.0709  4  PRO A CA  
22  C C   . PRO A 4  ? 0.3772 0.4619 0.6267 -0.1050 -0.1641 0.1261  4  PRO A C   
23  O O   . PRO A 4  ? 0.3905 0.4719 0.6154 -0.1154 -0.1741 0.1532  4  PRO A O   
24  C CB  . PRO A 4  ? 0.4048 0.4764 0.6476 -0.0695 -0.1223 0.0409  4  PRO A CB  
25  C CG  . PRO A 4  ? 0.4208 0.4998 0.6369 -0.0431 -0.1084 0.0314  4  PRO A CG  
26  C CD  . PRO A 4  ? 0.4155 0.5064 0.6457 -0.0388 -0.1095 0.0199  4  PRO A CD  
27  N N   . GLY A 5  ? 0.3763 0.3976 0.6127 -0.1147 -0.1480 0.1403  5  GLY A N   
28  C CA  . GLY A 5  ? 0.3642 0.3599 0.6176 -0.0762 -0.1343 0.1218  5  GLY A CA  
29  C C   . GLY A 5  ? 0.3724 0.2873 0.6004 -0.0378 -0.1018 0.0965  5  GLY A C   
30  O O   . GLY A 5  ? 0.3587 0.2255 0.6324 0.0195  -0.1037 0.0819  5  GLY A O   
31  N N   . LYS A 6  ? 0.3328 0.3106 0.5766 0.0262  -0.1059 0.0647  6  LYS A N   
32  C CA  . LYS A 6  ? 0.3683 0.2882 0.5418 0.0372  -0.0895 0.0380  6  LYS A CA  
33  C C   . LYS A 6  ? 0.3793 0.1945 0.4627 0.0013  -0.0422 0.0169  6  LYS A C   
34  O O   . LYS A 6  ? 0.3550 0.1969 0.3857 0.0136  -0.0236 0.0475  6  LYS A O   
35  C CB  . LYS A 6  ? 0.3725 0.3377 0.6080 0.0021  -0.0998 0.0353  6  LYS A CB  
36  C CG  . LYS A 6  ? 0.4075 0.3626 0.6705 -0.0574 -0.1094 0.0146  6  LYS A CG  
37  C CD  . LYS A 6  ? 0.4599 0.5008 0.7206 -0.0753 -0.1221 -0.0163 6  LYS A CD  
38  C CE  . LYS A 6  ? 0.5096 0.6271 0.7602 -0.1128 -0.1200 -0.0540 6  LYS A CE  
39  N NZ  . LYS A 6  ? 0.5263 0.7176 0.7877 -0.1237 -0.1218 -0.0792 6  LYS A NZ  
40  N N   . LYS A 7  ? 0.3775 0.1936 0.4561 0.0319  -0.0245 -0.0016 7  LYS A N   
41  C CA  . LYS A 7  ? 0.3532 0.2308 0.4451 0.0624  0.0064  -0.0119 7  LYS A CA  
42  C C   . LYS A 7  ? 0.3018 0.2076 0.3706 0.0339  0.0067  -0.0089 7  LYS A C   
43  O O   . LYS A 7  ? 0.3346 0.2635 0.3917 -0.0132 0.0184  -0.0675 7  LYS A O   
44  C CB  . LYS A 7  ? 0.4106 0.3675 0.5162 0.0590  -0.0154 0.0560  7  LYS A CB  
45  C CG  . LYS A 7  ? 0.4804 0.3917 0.6042 0.0416  -0.0123 0.0406  7  LYS A CG  
46  C CD  . LYS A 7  ? 0.5426 0.4576 0.6667 0.0085  -0.0020 0.0226  7  LYS A CD  
47  C CE  . LYS A 7  ? 0.5887 0.5170 0.7252 -0.0243 0.0051  -0.0030 7  LYS A CE  
48  N NZ  . LYS A 7  ? 0.6096 0.5580 0.7773 -0.0420 0.0209  0.0031  7  LYS A NZ  
49  N N   . PHE A 8  ? 0.2570 0.2661 0.2473 0.0497  0.0299  -0.0155 8  PHE A N   
50  C CA  . PHE A 8  ? 0.2608 0.3187 0.2127 -0.0046 0.0152  0.0094  8  PHE A CA  
51  C C   . PHE A 8  ? 0.2257 0.2946 0.1928 0.0028  -0.0320 -0.0121 8  PHE A C   
52  O O   . PHE A 8  ? 0.2157 0.2728 0.1827 0.0019  -0.0299 -0.0166 8  PHE A O   
53  C CB  . PHE A 8  ? 0.2612 0.3002 0.2666 0.0240  0.0317  0.0130  8  PHE A CB  
54  C CG  . PHE A 8  ? 0.2998 0.2483 0.2708 0.0605  0.0862  -0.0424 8  PHE A CG  
55  C CD1 . PHE A 8  ? 0.3102 0.2916 0.3005 0.0705  0.0562  -0.0259 8  PHE A CD1 
56  C CD2 . PHE A 8  ? 0.3006 0.2634 0.2921 0.0561  0.1182  -0.0401 8  PHE A CD2 
57  C CE1 . PHE A 8  ? 0.3139 0.3153 0.3177 0.0321  0.0593  -0.0324 8  PHE A CE1 
58  C CE2 . PHE A 8  ? 0.3075 0.2574 0.3252 0.0211  0.0947  -0.0565 8  PHE A CE2 
59  C CZ  . PHE A 8  ? 0.3168 0.2802 0.3314 -0.0022 0.0845  -0.0454 8  PHE A CZ  
60  N N   . VAL A 9  ? 0.2194 0.2422 0.1872 0.0164  -0.0172 -0.0306 9  VAL A N   
61  C CA  . VAL A 9  ? 0.2362 0.2240 0.2088 0.0461  -0.0135 -0.0339 9  VAL A CA  
62  C C   . VAL A 9  ? 0.2128 0.1994 0.2298 0.0425  -0.0170 -0.0314 9  VAL A C   
63  O O   . VAL A 9  ? 0.1888 0.2428 0.3187 0.0458  -0.0516 -0.0221 9  VAL A O   
64  C CB  . VAL A 9  ? 0.3053 0.2339 0.2425 0.0671  0.0178  -0.0658 9  VAL A CB  
65  C CG1 . VAL A 9  ? 0.3277 0.3071 0.2356 0.0088  0.0472  -0.0550 9  VAL A CG1 
66  C CG2 . VAL A 9  ? 0.3410 0.2484 0.2836 0.0458  0.0227  -0.0656 9  VAL A CG2 
67  N N   . ALA A 10 ? 0.2011 0.2334 0.1724 0.0517  0.0018  -0.0108 10 ALA A N   
68  C CA  . ALA A 10 ? 0.2590 0.2165 0.2108 0.0414  0.0186  -0.0284 10 ALA A CA  
69  C C   . ALA A 10 ? 0.2191 0.2318 0.1779 0.0536  0.0220  -0.0181 10 ALA A C   
70  O O   . ALA A 10 ? 0.1865 0.3332 0.2207 0.0539  -0.0017 0.0576  10 ALA A O   
71  C CB  . ALA A 10 ? 0.3548 0.2641 0.2533 -0.0062 0.0550  -0.0410 10 ALA A CB  
72  N N   . ARG A 11 ? 0.2578 0.2550 0.2350 0.0342  0.0141  0.0096  11 ARG A N   
73  C CA  . ARG A 11 ? 0.2902 0.2310 0.2204 0.0789  0.0159  0.0424  11 ARG A CA  
74  C C   . ARG A 11 ? 0.3116 0.1995 0.2227 0.0550  0.0440  0.0248  11 ARG A C   
75  O O   . ARG A 11 ? 0.3016 0.2185 0.3306 0.0682  0.0592  -0.0016 11 ARG A O   
76  C CB  . ARG A 11 ? 0.3325 0.3055 0.2119 0.0371  -0.0053 0.0640  11 ARG A CB  
77  C CG  . ARG A 11 ? 0.3008 0.4007 0.2440 0.0456  -0.0446 0.0677  11 ARG A CG  
78  C CD  . ARG A 11 ? 0.3122 0.4139 0.2314 0.0128  -0.0590 0.0678  11 ARG A CD  
79  N NE  . ARG A 11 ? 0.3087 0.4451 0.2401 -0.0186 -0.0911 0.0897  11 ARG A NE  
80  C CZ  . ARG A 11 ? 0.3471 0.5044 0.2437 -0.0391 -0.0991 0.0892  11 ARG A CZ  
81  N NH1 . ARG A 11 ? 0.3509 0.5059 0.2094 -0.0163 -0.0650 0.0722  11 ARG A NH1 
82  N NH2 . ARG A 11 ? 0.3833 0.5530 0.2493 -0.0704 -0.1029 0.0974  11 ARG A NH2 
83  N N   . VAL A 12 ? 0.3204 0.1870 0.1268 0.1062  0.0336  0.0362  12 VAL A N   
84  C CA  . VAL A 12 ? 0.2874 0.1812 0.1510 0.1111  -0.0103 0.0318  12 VAL A CA  
85  C C   . VAL A 12 ? 0.2520 0.1831 0.1362 0.0842  0.0150  0.0217  12 VAL A C   
86  O O   . VAL A 12 ? 0.2462 0.2327 0.1096 0.0560  0.0178  0.0307  12 VAL A O   
87  C CB  . VAL A 12 ? 0.2805 0.2312 0.1131 0.0849  -0.0172 0.0255  12 VAL A CB  
88  C CG1 . VAL A 12 ? 0.3017 0.2373 0.1354 0.0225  -0.0149 0.0308  12 VAL A CG1 
89  C CG2 . VAL A 12 ? 0.2940 0.2717 0.1319 0.0623  -0.0357 0.0088  12 VAL A CG2 
90  N N   . ALA A 13 ? 0.2565 0.1943 0.1519 0.0772  -0.0050 0.0192  13 ALA A N   
91  C CA  . ALA A 13 ? 0.2666 0.1828 0.1687 0.0828  -0.0057 0.0164  13 ALA A CA  
92  C C   . ALA A 13 ? 0.2649 0.1793 0.1388 0.0558  0.0149  0.0217  13 ALA A C   
93  O O   . ALA A 13 ? 0.2843 0.1855 0.1328 0.0343  -0.0102 0.0157  13 ALA A O   
94  C CB  . ALA A 13 ? 0.3126 0.2357 0.1726 0.0731  -0.0279 0.0084  13 ALA A CB  
95  N N   A GLU A 14 ? 0.2536 0.1589 0.1825 0.0764  0.0102  0.0284  14 GLU A N   
96  N N   B GLU A 14 ? 0.2691 0.1638 0.1839 0.0667  0.0090  0.0215  14 GLU A N   
97  C CA  A GLU A 14 ? 0.2800 0.1587 0.1799 0.1001  0.0236  0.0354  14 GLU A CA  
98  C CA  B GLU A 14 ? 0.2990 0.1616 0.1860 0.0883  0.0182  0.0237  14 GLU A CA  
99  C C   A GLU A 14 ? 0.2695 0.1696 0.1458 0.1096  0.0111  0.0391  14 GLU A C   
100 C C   B GLU A 14 ? 0.2848 0.1770 0.1575 0.0928  0.0182  0.0194  14 GLU A C   
101 O O   A GLU A 14 ? 0.2629 0.2400 0.2028 0.0856  -0.0363 0.0534  14 GLU A O   
102 O O   B GLU A 14 ? 0.2847 0.2230 0.2059 0.0748  -0.0107 0.0102  14 GLU A O   
103 C CB  A GLU A 14 ? 0.3537 0.1658 0.1991 0.0551  0.0504  0.0641  14 GLU A CB  
104 C CB  B GLU A 14 ? 0.3694 0.1633 0.2038 0.0597  0.0292  0.0484  14 GLU A CB  
105 C CG  A GLU A 14 ? 0.4252 0.1729 0.2292 0.0436  0.0777  0.0463  14 GLU A CG  
106 C CG  B GLU A 14 ? 0.4377 0.1937 0.2183 0.0445  0.0368  0.0595  14 GLU A CG  
107 C CD  A GLU A 14 ? 0.4920 0.2253 0.2837 0.0406  0.0857  0.0314  14 GLU A CD  
108 C CD  B GLU A 14 ? 0.4987 0.2482 0.2311 0.0169  0.0536  0.0794  14 GLU A CD  
109 O OE1 A GLU A 14 ? 0.5136 0.2226 0.3083 0.0690  0.0642  0.0241  14 GLU A OE1 
110 O OE1 B GLU A 14 ? 0.5127 0.2288 0.2411 0.0745  0.0708  0.0738  14 GLU A OE1 
111 O OE2 A GLU A 14 ? 0.5338 0.3309 0.2985 -0.0132 0.0982  0.0304  14 GLU A OE2 
112 O OE2 B GLU A 14 ? 0.5159 0.3214 0.2274 -0.0233 0.0531  0.1024  14 GLU A OE2 
113 N N   . ALA A 15 ? 0.2822 0.2057 0.1427 0.0881  0.0308  0.0063  15 ALA A N   
114 C CA  . ALA A 15 ? 0.3208 0.2037 0.1434 0.0909  0.0217  0.0050  15 ALA A CA  
115 C C   . ALA A 15 ? 0.3239 0.2080 0.1884 0.1279  0.0093  0.0022  15 ALA A C   
116 O O   . ALA A 15 ? 0.3203 0.2128 0.2236 0.0872  -0.0105 0.0089  15 ALA A O   
117 C CB  . ALA A 15 ? 0.3391 0.2282 0.1434 0.1195  0.0123  0.0302  15 ALA A CB  
118 N N   . ARG A 16 ? 0.2928 0.2555 0.2002 0.1514  0.0102  0.0105  16 ARG A N   
119 C CA  . ARG A 16 ? 0.3243 0.2140 0.2694 0.1421  -0.0154 0.0412  16 ARG A CA  
120 C C   . ARG A 16 ? 0.3238 0.1983 0.2908 0.1412  -0.0076 0.0214  16 ARG A C   
121 O O   . ARG A 16 ? 0.3566 0.2125 0.2600 0.1458  0.0115  0.0484  16 ARG A O   
122 C CB  . ARG A 16 ? 0.4096 0.2826 0.3229 0.1503  -0.0481 0.0928  16 ARG A CB  
123 C CG  . ARG A 16 ? 0.4895 0.4361 0.3743 0.0412  -0.0530 0.1665  16 ARG A CG  
124 C CD  . ARG A 16 ? 0.5924 0.6408 0.4625 -0.0796 -0.0499 0.1807  16 ARG A CD  
125 N NE  . ARG A 16 ? 0.6898 0.7497 0.5429 -0.1615 -0.0580 0.1944  16 ARG A NE  
126 C CZ  . ARG A 16 ? 0.7683 0.7871 0.6005 -0.1737 -0.0672 0.2030  16 ARG A CZ  
127 N NH1 . ARG A 16 ? 0.8021 0.8019 0.6166 -0.1610 -0.0701 0.2007  16 ARG A NH1 
128 N NH2 . ARG A 16 ? 0.7829 0.7992 0.6357 -0.1754 -0.0877 0.2092  16 ARG A NH2 
129 N N   . ALA A 17 ? 0.3228 0.2046 0.3099 0.1463  -0.0010 -0.0113 17 ALA A N   
130 C CA  . ALA A 17 ? 0.3247 0.2092 0.3427 0.1493  -0.0033 0.0010  17 ALA A CA  
131 C C   . ALA A 17 ? 0.3272 0.2344 0.3229 0.1579  -0.0078 0.0323  17 ALA A C   
132 O O   . ALA A 17 ? 0.2964 0.2618 0.3308 0.1232  0.0209  0.0273  17 ALA A O   
133 C CB  . ALA A 17 ? 0.3582 0.1800 0.3784 0.1345  0.0061  0.0004  17 ALA A CB  
134 N N   . GLU A 18 ? 0.3456 0.2844 0.3024 0.1634  -0.0288 0.0343  18 GLU A N   
135 C CA  . GLU A 18 ? 0.3973 0.3085 0.3032 0.1062  -0.0261 0.0301  18 GLU A CA  
136 C C   . GLU A 18 ? 0.3529 0.2968 0.2882 0.1154  -0.0284 0.0046  18 GLU A C   
137 O O   . GLU A 18 ? 0.3491 0.3136 0.3049 0.0629  -0.0146 0.0146  18 GLU A O   
138 C CB  . GLU A 18 ? 0.4811 0.4025 0.3604 0.0022  -0.0254 -0.0004 18 GLU A CB  
139 C CG  . GLU A 18 ? 0.5736 0.5145 0.4046 -0.1199 -0.0115 -0.0152 18 GLU A CG  
140 C CD  . GLU A 18 ? 0.6612 0.6358 0.4288 -0.2727 0.0242  -0.0190 18 GLU A CD  
141 O OE1 . GLU A 18 ? 0.7137 0.7083 0.4180 -0.3351 0.0489  -0.0032 18 GLU A OE1 
142 O OE2 . GLU A 18 ? 0.6722 0.6628 0.4200 -0.3303 0.0239  -0.0358 18 GLU A OE2 
143 N N   . ASP A 19 ? 0.3245 0.2374 0.2149 0.1255  -0.0217 -0.0081 19 ASP A N   
144 C CA  . ASP A 19 ? 0.3105 0.2115 0.1925 0.1214  -0.0146 0.0183  19 ASP A CA  
145 C C   . ASP A 19 ? 0.2959 0.2185 0.1921 0.0835  -0.0067 0.0453  19 ASP A C   
146 O O   . ASP A 19 ? 0.2894 0.2096 0.2098 0.0731  0.0076  0.0143  19 ASP A O   
147 C CB  . ASP A 19 ? 0.3141 0.2179 0.2037 0.1262  -0.0246 0.0280  19 ASP A CB  
148 C CG  . ASP A 19 ? 0.3551 0.2367 0.2127 0.0859  -0.0103 0.0032  19 ASP A CG  
149 O OD1 . ASP A 19 ? 0.3638 0.2868 0.2484 0.0598  -0.0126 -0.0163 19 ASP A OD1 
150 O OD2 . ASP A 19 ? 0.3989 0.2528 0.2552 0.1047  -0.0110 -0.0139 19 ASP A OD2 
151 N N   . VAL A 20 ? 0.3466 0.1972 0.2167 0.0796  -0.0118 -0.0043 20 VAL A N   
152 C CA  . VAL A 20 ? 0.3659 0.1618 0.2289 0.0996  -0.0032 -0.0141 20 VAL A CA  
153 C C   . VAL A 20 ? 0.3424 0.2238 0.2038 0.1280  0.0023  0.0070  20 VAL A C   
154 O O   . VAL A 20 ? 0.3145 0.3164 0.2358 0.1269  0.0009  -0.0127 20 VAL A O   
155 C CB  . VAL A 20 ? 0.4263 0.1624 0.2730 0.0805  -0.0157 -0.0280 20 VAL A CB  
156 C CG1 . VAL A 20 ? 0.4562 0.1822 0.2662 0.1026  -0.0015 -0.0503 20 VAL A CG1 
157 C CG2 . VAL A 20 ? 0.4255 0.2242 0.2923 -0.0077 -0.0051 -0.0499 20 VAL A CG2 
158 N N   . GLY A 21 ? 0.3483 0.2258 0.2101 0.1281  0.0302  -0.0043 21 GLY A N   
159 C CA  . GLY A 21 ? 0.3390 0.2559 0.1997 0.1415  0.0366  -0.0335 21 GLY A CA  
160 C C   . GLY A 21 ? 0.3156 0.3108 0.2189 0.0791  0.0224  -0.0335 21 GLY A C   
161 O O   . GLY A 21 ? 0.3119 0.4046 0.2507 0.0728  0.0205  -0.0583 21 GLY A O   
162 N N   . LYS A 22 ? 0.2876 0.2233 0.2130 0.0926  0.0110  -0.0253 22 LYS A N   
163 C CA  . LYS A 22 ? 0.3028 0.1669 0.1815 0.0428  0.0137  0.0000  22 LYS A CA  
164 C C   . LYS A 22 ? 0.2853 0.1401 0.2247 0.0305  0.0169  -0.0289 22 LYS A C   
165 O O   . LYS A 22 ? 0.3034 0.1577 0.2022 0.0361  0.0141  -0.0350 22 LYS A O   
166 C CB  . LYS A 22 ? 0.2963 0.1911 0.1926 0.0679  -0.0056 0.0129  22 LYS A CB  
167 C CG  . LYS A 22 ? 0.2906 0.2971 0.2130 0.0327  -0.0367 0.0122  22 LYS A CG  
168 C CD  . LYS A 22 ? 0.3311 0.3101 0.2430 0.0475  -0.0589 -0.0197 22 LYS A CD  
169 C CE  . LYS A 22 ? 0.4087 0.4178 0.2325 0.0413  -0.0633 -0.0131 22 LYS A CE  
170 N NZ  . LYS A 22 ? 0.4520 0.4474 0.2137 0.0480  -0.0604 0.0008  22 LYS A NZ  
171 N N   . ARG A 23 ? 0.2317 0.1664 0.2201 0.0218  -0.0081 -0.0138 23 ARG A N   
172 C CA  . ARG A 23 ? 0.2020 0.1941 0.1858 0.0166  0.0382  -0.0191 23 ARG A CA  
173 C C   . ARG A 23 ? 0.2225 0.1658 0.1561 0.0224  0.0245  -0.0433 23 ARG A C   
174 O O   . ARG A 23 ? 0.2598 0.2077 0.1736 0.0245  0.0007  -0.0355 23 ARG A O   
175 C CB  . ARG A 23 ? 0.2191 0.1911 0.1847 0.0188  0.0591  -0.0191 23 ARG A CB  
176 C CG  . ARG A 23 ? 0.2453 0.2477 0.2244 0.0617  0.0575  -0.0128 23 ARG A CG  
177 C CD  . ARG A 23 ? 0.2656 0.3564 0.2130 0.0503  0.0868  -0.0158 23 ARG A CD  
178 N NE  . ARG A 23 ? 0.3051 0.3969 0.2353 0.0342  0.0785  -0.0653 23 ARG A NE  
179 C CZ  . ARG A 23 ? 0.3609 0.3319 0.2276 0.0604  0.0729  -0.0810 23 ARG A CZ  
180 N NH1 . ARG A 23 ? 0.3678 0.3460 0.2472 0.0466  0.0593  -0.0620 23 ARG A NH1 
181 N NH2 . ARG A 23 ? 0.3891 0.3428 0.2309 0.0955  0.0679  -0.0999 23 ARG A NH2 
182 N N   . VAL A 24 ? 0.2171 0.1772 0.1452 0.0198  0.0101  -0.0125 24 VAL A N   
183 C CA  . VAL A 24 ? 0.2148 0.1581 0.1464 0.0288  0.0050  0.0066  24 VAL A CA  
184 C C   . VAL A 24 ? 0.2442 0.1486 0.1163 0.0179  0.0084  -0.0159 24 VAL A C   
185 O O   . VAL A 24 ? 0.2708 0.1869 0.1311 0.0216  -0.0011 -0.0114 24 VAL A O   
186 C CB  . VAL A 24 ? 0.2555 0.1532 0.1516 0.0045  0.0128  0.0088  24 VAL A CB  
187 C CG1 . VAL A 24 ? 0.3029 0.1722 0.1543 0.0162  -0.0253 0.0203  24 VAL A CG1 
188 C CG2 . VAL A 24 ? 0.2641 0.1530 0.1629 0.0080  0.0098  -0.0029 24 VAL A CG2 
189 N N   . VAL A 25 ? 0.2254 0.1564 0.1340 0.0209  0.0042  -0.0058 25 VAL A N   
190 C CA  . VAL A 25 ? 0.2324 0.1519 0.1651 0.0451  -0.0148 0.0105  25 VAL A CA  
191 C C   . VAL A 25 ? 0.2290 0.1391 0.1365 0.0344  -0.0182 0.0134  25 VAL A C   
192 O O   . VAL A 25 ? 0.2532 0.1803 0.1195 0.0071  -0.0065 0.0107  25 VAL A O   
193 C CB  . VAL A 25 ? 0.2902 0.1740 0.1775 0.0504  -0.0198 0.0126  25 VAL A CB  
194 C CG1 . VAL A 25 ? 0.3297 0.2167 0.2059 0.0943  -0.0529 0.0026  25 VAL A CG1 
195 C CG2 . VAL A 25 ? 0.3272 0.2008 0.2311 0.0037  0.0212  0.0121  25 VAL A CG2 
196 N N   . ILE A 26 ? 0.2157 0.1721 0.1127 0.0299  -0.0005 0.0071  26 ILE A N   
197 C CA  . ILE A 26 ? 0.2063 0.1764 0.1743 0.0199  -0.0062 -0.0043 26 ILE A CA  
198 C C   . ILE A 26 ? 0.2095 0.2052 0.1737 0.0050  -0.0017 0.0409  26 ILE A C   
199 O O   . ILE A 26 ? 0.2088 0.2717 0.1883 0.0333  -0.0048 0.0568  26 ILE A O   
200 C CB  . ILE A 26 ? 0.2761 0.1925 0.1967 -0.0058 -0.0003 -0.0284 26 ILE A CB  
201 C CG1 . ILE A 26 ? 0.3087 0.2291 0.2355 0.0318  -0.0066 -0.0643 26 ILE A CG1 
202 C CG2 . ILE A 26 ? 0.2838 0.2091 0.2268 -0.0158 0.0071  -0.0285 26 ILE A CG2 
203 C CD1 . ILE A 26 ? 0.3598 0.2733 0.2489 0.0259  -0.0005 -0.0780 26 ILE A CD1 
204 N N   . ILE A 27 ? 0.2061 0.1824 0.1880 0.0178  0.0320  0.0140  27 ILE A N   
205 C CA  . ILE A 27 ? 0.2328 0.2017 0.2164 0.0092  0.0280  0.0085  27 ILE A CA  
206 C C   . ILE A 27 ? 0.2083 0.2523 0.1957 0.0501  0.0090  0.0091  27 ILE A C   
207 O O   . ILE A 27 ? 0.2225 0.2399 0.2305 0.0145  -0.0212 0.0483  27 ILE A O   
208 C CB  . ILE A 27 ? 0.2618 0.2069 0.2683 0.0289  0.0416  -0.0621 27 ILE A CB  
209 C CG1 . ILE A 27 ? 0.3031 0.2771 0.3191 -0.0292 0.0487  -0.1118 27 ILE A CG1 
210 C CG2 . ILE A 27 ? 0.2576 0.2556 0.2636 0.0124  0.0419  -0.0453 27 ILE A CG2 
211 C CD1 . ILE A 27 ? 0.3427 0.3996 0.3304 -0.0874 0.0373  -0.1383 27 ILE A CD1 
212 N N   . PRO A 28 ? 0.2677 0.3016 0.1872 0.0124  0.0089  0.0092  28 PRO A N   
213 C CA  . PRO A 28 ? 0.3242 0.3605 0.2217 -0.0686 0.0069  -0.0330 28 PRO A CA  
214 C C   . PRO A 28 ? 0.2599 0.2694 0.2152 -0.0144 -0.0235 -0.0058 28 PRO A C   
215 O O   . PRO A 28 ? 0.2194 0.2433 0.1994 0.0163  -0.0470 -0.0071 28 PRO A O   
216 C CB  . PRO A 28 ? 0.3813 0.4449 0.2633 -0.0931 -0.0017 -0.0300 28 PRO A CB  
217 C CG  . PRO A 28 ? 0.3986 0.4817 0.2635 -0.0766 -0.0113 0.0122  28 PRO A CG  
218 C CD  . PRO A 28 ? 0.3140 0.4295 0.2129 -0.0052 -0.0114 0.0358  28 PRO A CD  
219 N N   . LYS A 29 ? 0.2565 0.2415 0.2549 0.0235  -0.0282 -0.0070 29 LYS A N   
220 C CA  . LYS A 29 ? 0.3070 0.2352 0.3149 0.0117  -0.0441 0.0210  29 LYS A CA  
221 C C   . LYS A 29 ? 0.2552 0.2016 0.2793 0.0237  -0.0538 0.0077  29 LYS A C   
222 O O   . LYS A 29 ? 0.2325 0.2075 0.2455 -0.0130 -0.0032 0.0360  29 LYS A O   
223 C CB  . LYS A 29 ? 0.4046 0.3104 0.4170 -0.0286 -0.0367 0.0315  29 LYS A CB  
224 C CG  . LYS A 29 ? 0.4785 0.3406 0.5015 -0.0780 -0.0353 0.0583  29 LYS A CG  
225 C CD  . LYS A 29 ? 0.5728 0.3966 0.5736 -0.0945 -0.0481 0.0794  29 LYS A CD  
226 C CE  . LYS A 29 ? 0.6413 0.4609 0.6225 -0.1163 -0.0541 0.0815  29 LYS A CE  
227 N NZ  . LYS A 29 ? 0.6861 0.5256 0.6684 -0.1242 -0.0489 0.0753  29 LYS A NZ  
228 N N   . ALA A 30 ? 0.2422 0.2487 0.2721 -0.0045 -0.0921 0.0367  30 ALA A N   
229 C CA  . ALA A 30 ? 0.2648 0.2518 0.2363 -0.0241 -0.0833 0.0243  30 ALA A CA  
230 C C   . ALA A 30 ? 0.2212 0.2347 0.2042 -0.0175 -0.0402 0.0238  30 ALA A C   
231 O O   . ALA A 30 ? 0.1775 0.2667 0.2307 -0.0455 -0.0435 0.0394  30 ALA A O   
232 C CB  . ALA A 30 ? 0.3242 0.3269 0.2561 -0.0340 -0.1070 -0.0009 30 ALA A CB  
233 N N   . GLU A 31 ? 0.2036 0.2844 0.2194 -0.0560 -0.0168 0.0671  31 GLU A N   
234 C CA  . GLU A 31 ? 0.1705 0.3072 0.2593 -0.0389 -0.0310 0.0975  31 GLU A CA  
235 C C   . GLU A 31 ? 0.1744 0.2571 0.2626 -0.0141 -0.0585 0.0985  31 GLU A C   
236 O O   . GLU A 31 ? 0.1837 0.2240 0.3023 -0.0489 -0.0716 0.0811  31 GLU A O   
237 C CB  . GLU A 31 ? 0.2035 0.4133 0.2821 -0.0534 -0.0071 0.0959  31 GLU A CB  
238 C CG  . GLU A 31 ? 0.3341 0.6363 0.3046 -0.1710 -0.0131 0.1241  31 GLU A CG  
239 C CD  . GLU A 31 ? 0.4056 0.8366 0.3029 -0.2142 -0.0110 0.1383  31 GLU A CD  
240 O OE1 . GLU A 31 ? 0.3926 0.8734 0.3190 -0.1955 -0.0093 0.1501  31 GLU A OE1 
241 O OE2 . GLU A 31 ? 0.4617 0.9331 0.2911 -0.1980 -0.0013 0.1309  31 GLU A OE2 
242 N N   . ARG A 32 ? 0.1809 0.2139 0.2406 -0.0040 -0.0482 0.0620  32 ARG A N   
243 C CA  . ARG A 32 ? 0.1982 0.1977 0.2179 -0.0012 -0.0231 0.0619  32 ARG A CA  
244 C C   . ARG A 32 ? 0.1688 0.2113 0.2096 -0.0054 -0.0208 0.0413  32 ARG A C   
245 O O   . ARG A 32 ? 0.1971 0.2458 0.2376 0.0085  -0.0329 0.0168  32 ARG A O   
246 C CB  . ARG A 32 ? 0.2140 0.2594 0.1862 -0.0012 0.0080  0.0482  32 ARG A CB  
247 C CG  . ARG A 32 ? 0.2917 0.3571 0.2597 -0.0321 -0.0048 0.0766  32 ARG A CG  
248 C CD  . ARG A 32 ? 0.3728 0.4464 0.3092 -0.0680 -0.0216 0.0579  32 ARG A CD  
249 N NE  . ARG A 32 ? 0.3914 0.3793 0.2567 0.0141  -0.0488 0.0808  32 ARG A NE  
250 C CZ  . ARG A 32 ? 0.4025 0.3155 0.2757 0.0265  -0.0122 0.0632  32 ARG A CZ  
251 N NH1 . ARG A 32 ? 0.3380 0.2905 0.2492 0.0798  -0.0210 0.0485  32 ARG A NH1 
252 N NH2 . ARG A 32 ? 0.4662 0.2699 0.3014 0.0928  0.0187  0.0670  32 ARG A NH2 
253 N N   . ALA A 33 ? 0.1550 0.2248 0.2486 -0.0058 -0.0226 0.0612  33 ALA A N   
254 C CA  . ALA A 33 ? 0.1692 0.2422 0.2683 -0.0282 -0.0088 0.0291  33 ALA A CA  
255 C C   . ALA A 33 ? 0.1853 0.2376 0.2959 0.0176  -0.0295 0.0175  33 ALA A C   
256 O O   . ALA A 33 ? 0.2067 0.3042 0.3325 -0.0143 -0.0191 0.0083  33 ALA A O   
257 C CB  . ALA A 33 ? 0.1870 0.2758 0.2981 -0.0737 -0.0193 0.0357  33 ALA A CB  
258 N N   . LYS A 34 ? 0.1486 0.2157 0.3369 -0.0212 -0.0764 0.0449  34 LYS A N   
259 C CA  . LYS A 34 ? 0.1704 0.2339 0.3898 0.0003  -0.1179 0.0385  34 LYS A CA  
260 C C   . LYS A 34 ? 0.1798 0.2535 0.3740 -0.0278 -0.0936 0.0177  34 LYS A C   
261 O O   . LYS A 34 ? 0.2037 0.2378 0.4071 0.0203  -0.0927 -0.0221 34 LYS A O   
262 C CB  . LYS A 34 ? 0.2478 0.2737 0.3997 -0.0240 -0.1444 0.0510  34 LYS A CB  
263 C CG  . LYS A 34 ? 0.2844 0.2453 0.4243 -0.0468 -0.1675 0.1107  34 LYS A CG  
264 C CD  . LYS A 34 ? 0.3873 0.2726 0.4350 -0.0971 -0.1533 0.1209  34 LYS A CD  
265 C CE  . LYS A 34 ? 0.4389 0.2769 0.4599 -0.0963 -0.1490 0.1102  34 LYS A CE  
266 N NZ  . LYS A 34 ? 0.4578 0.3360 0.4644 -0.0930 -0.1506 0.1207  34 LYS A NZ  
267 N N   A VAL A 35 ? 0.1456 0.2103 0.3368 -0.0316 -0.0771 0.0380  35 VAL A N   
268 N N   B VAL A 35 ? 0.1560 0.2077 0.3359 -0.0163 -0.0864 0.0243  35 VAL A N   
269 C CA  A VAL A 35 ? 0.1793 0.2556 0.3248 -0.0223 -0.0678 0.0370  35 VAL A CA  
270 C CA  B VAL A 35 ? 0.1812 0.2462 0.3242 -0.0134 -0.0768 0.0120  35 VAL A CA  
271 C C   A VAL A 35 ? 0.1799 0.2358 0.3350 0.0130  -0.0552 -0.0389 35 VAL A C   
272 C C   B VAL A 35 ? 0.1772 0.2290 0.3263 0.0288  -0.0605 -0.0472 35 VAL A C   
273 O O   A VAL A 35 ? 0.2329 0.2762 0.3303 -0.0085 -0.0428 -0.0560 35 VAL A O   
274 O O   B VAL A 35 ? 0.2240 0.2274 0.3154 0.0408  -0.0529 -0.0649 35 VAL A O   
275 C CB  A VAL A 35 ? 0.2391 0.3202 0.3102 -0.0582 -0.0296 0.0615  35 VAL A CB  
276 C CB  B VAL A 35 ? 0.2294 0.3155 0.3322 -0.0657 -0.0530 0.0040  35 VAL A CB  
277 C CG1 A VAL A 35 ? 0.2838 0.3623 0.2942 -0.0726 -0.0215 0.0756  35 VAL A CG1 
278 C CG1 B VAL A 35 ? 0.2444 0.2949 0.3533 -0.1022 -0.0450 -0.0244 35 VAL A CG1 
279 C CG2 A VAL A 35 ? 0.2541 0.2740 0.2944 -0.0635 -0.0047 0.0733  35 VAL A CG2 
280 C CG2 B VAL A 35 ? 0.2735 0.3481 0.3086 -0.0734 -0.0397 0.0181  35 VAL A CG2 
281 N N   . GLY A 36 ? 0.1733 0.2764 0.3158 0.0452  -0.0459 -0.0446 36 GLY A N   
282 C CA  . GLY A 36 ? 0.2168 0.3396 0.3031 0.0717  -0.0199 -0.0531 36 GLY A CA  
283 C C   . GLY A 36 ? 0.2791 0.3522 0.2572 0.0606  -0.0350 -0.0043 36 GLY A C   
284 O O   . GLY A 36 ? 0.3509 0.3961 0.2919 0.0526  -0.0323 -0.0798 36 GLY A O   
285 N N   . ILE A 37 ? 0.2295 0.3142 0.2391 0.0782  -0.0281 0.0037  37 ILE A N   
286 C CA  . ILE A 37 ? 0.2285 0.2891 0.2595 0.0908  -0.0363 0.0464  37 ILE A CA  
287 C C   . ILE A 37 ? 0.2423 0.2775 0.2720 0.0713  -0.0385 0.0426  37 ILE A C   
288 O O   . ILE A 37 ? 0.2841 0.2917 0.2921 -0.0103 -0.0166 0.0463  37 ILE A O   
289 C CB  . ILE A 37 ? 0.1941 0.3723 0.2939 0.0687  0.0196  0.0596  37 ILE A CB  
290 C CG1 . ILE A 37 ? 0.2584 0.3946 0.3171 0.0591  0.0470  0.0449  37 ILE A CG1 
291 C CG2 . ILE A 37 ? 0.1881 0.4320 0.3016 0.0590  -0.0076 0.0913  37 ILE A CG2 
292 C CD1 . ILE A 37 ? 0.2553 0.4519 0.3066 0.0751  0.0779  0.0168  37 ILE A CD1 
293 N N   . LYS A 38 ? 0.2351 0.3459 0.2424 0.0672  -0.0278 0.0975  38 LYS A N   
294 C CA  . LYS A 38 ? 0.2475 0.4031 0.2759 0.0993  -0.0135 0.1187  38 LYS A CA  
295 C C   . LYS A 38 ? 0.2308 0.3194 0.2143 0.0997  -0.0044 0.0857  38 LYS A C   
296 O O   . LYS A 38 ? 0.2738 0.3110 0.1932 0.0619  0.0004  0.0667  38 LYS A O   
297 C CB  . LYS A 38 ? 0.3146 0.5325 0.3567 0.0206  0.0138  0.1315  38 LYS A CB  
298 C CG  . LYS A 38 ? 0.4043 0.6627 0.4683 -0.0618 0.0416  0.1552  38 LYS A CG  
299 C CD  . LYS A 38 ? 0.4673 0.7544 0.5754 -0.0994 0.0492  0.1800  38 LYS A CD  
300 C CE  . LYS A 38 ? 0.5141 0.8171 0.6582 -0.1046 0.0481  0.2100  38 LYS A CE  
301 N NZ  . LYS A 38 ? 0.5385 0.8604 0.7212 -0.0869 0.0470  0.2342  38 LYS A NZ  
302 N N   . VAL A 39 ? 0.2251 0.2872 0.1967 0.0865  0.0021  0.0604  39 VAL A N   
303 C CA  . VAL A 39 ? 0.2351 0.2456 0.2085 0.0808  -0.0030 0.0600  39 VAL A CA  
304 C C   . VAL A 39 ? 0.2267 0.2684 0.1574 0.0705  0.0120  0.0195  39 VAL A C   
305 O O   . VAL A 39 ? 0.2265 0.3540 0.1534 0.0889  0.0112  0.0362  39 VAL A O   
306 C CB  . VAL A 39 ? 0.2721 0.2830 0.2535 0.0757  0.0104  0.0735  39 VAL A CB  
307 C CG1 . VAL A 39 ? 0.2825 0.3766 0.2354 0.0411  0.0048  0.0943  39 VAL A CG1 
308 C CG2 . VAL A 39 ? 0.3160 0.3395 0.3400 0.1083  0.0040  0.0110  39 VAL A CG2 
309 N N   . GLY A 40 ? 0.2187 0.2645 0.1584 0.0579  -0.0114 0.0521  40 GLY A N   
310 C CA  . GLY A 40 ? 0.2459 0.3103 0.1380 0.0536  -0.0020 0.0582  40 GLY A CA  
311 C C   . GLY A 40 ? 0.2367 0.2949 0.1375 0.0643  -0.0152 0.0468  40 GLY A C   
312 O O   . GLY A 40 ? 0.2642 0.3557 0.1822 0.0484  -0.0367 0.0357  40 GLY A O   
313 N N   . ASP A 41 ? 0.2351 0.2655 0.1195 0.0535  0.0091  0.0456  41 ASP A N   
314 C CA  . ASP A 41 ? 0.2119 0.2439 0.1633 0.0932  -0.0336 0.0134  41 ASP A CA  
315 C C   . ASP A 41 ? 0.2604 0.2377 0.1130 0.0697  -0.0162 -0.0142 41 ASP A C   
316 O O   . ASP A 41 ? 0.2435 0.2415 0.1300 0.0923  -0.0206 -0.0146 41 ASP A O   
317 C CB  . ASP A 41 ? 0.2150 0.2556 0.1524 0.0779  0.0029  0.0019  41 ASP A CB  
318 C CG  . ASP A 41 ? 0.2153 0.2967 0.1809 0.0451  -0.0014 -0.0109 41 ASP A CG  
319 O OD1 . ASP A 41 ? 0.2567 0.3680 0.1921 0.0244  0.0341  -0.0228 41 ASP A OD1 
320 O OD2 . ASP A 41 ? 0.2244 0.3127 0.2358 0.0486  -0.0432 0.0116  41 ASP A OD2 
321 N N   . VAL A 42 ? 0.2136 0.2634 0.1595 0.0773  0.0127  -0.0358 42 VAL A N   
322 C CA  . VAL A 42 ? 0.2257 0.2496 0.1712 0.0782  -0.0103 -0.0417 42 VAL A CA  
323 C C   . VAL A 42 ? 0.1848 0.2062 0.1689 0.0758  -0.0064 -0.0351 42 VAL A C   
324 O O   . VAL A 42 ? 0.2084 0.2281 0.1612 0.0691  -0.0068 -0.0331 42 VAL A O   
325 C CB  . VAL A 42 ? 0.2364 0.2637 0.1863 0.0920  -0.0457 -0.0552 42 VAL A CB  
326 C CG1 . VAL A 42 ? 0.2599 0.2909 0.1948 0.0652  -0.0224 -0.0510 42 VAL A CG1 
327 C CG2 . VAL A 42 ? 0.2813 0.3275 0.1757 0.1092  -0.0449 -0.0839 42 VAL A CG2 
328 N N   . VAL A 43 ? 0.2062 0.1950 0.1573 0.0513  0.0086  -0.0286 43 VAL A N   
329 C CA  . VAL A 43 ? 0.1934 0.2132 0.1554 0.0412  -0.0202 -0.0147 43 VAL A CA  
330 C C   . VAL A 43 ? 0.1850 0.2076 0.1708 0.0784  -0.0130 -0.0174 43 VAL A C   
331 O O   . VAL A 43 ? 0.2019 0.2234 0.1880 0.0478  -0.0188 0.0091  43 VAL A O   
332 C CB  . VAL A 43 ? 0.2413 0.1738 0.1736 0.0206  -0.0015 -0.0253 43 VAL A CB  
333 C CG1 . VAL A 43 ? 0.2208 0.1937 0.2205 0.0185  0.0017  -0.0480 43 VAL A CG1 
334 C CG2 . VAL A 43 ? 0.2137 0.2419 0.1910 0.0908  -0.0113 -0.0628 43 VAL A CG2 
335 N N   . GLU A 44 ? 0.1896 0.1790 0.1910 0.0356  -0.0113 -0.0109 44 GLU A N   
336 C CA  . GLU A 44 ? 0.2279 0.1714 0.2179 0.0285  -0.0206 0.0046  44 GLU A CA  
337 C C   . GLU A 44 ? 0.2499 0.2055 0.1961 0.0490  -0.0390 -0.0052 44 GLU A C   
338 O O   . GLU A 44 ? 0.2391 0.3210 0.1949 0.0342  -0.0450 -0.0227 44 GLU A O   
339 C CB  . GLU A 44 ? 0.2608 0.1965 0.2978 0.0273  -0.0188 0.0507  44 GLU A CB  
340 C CG  . GLU A 44 ? 0.3331 0.2409 0.4070 0.1134  -0.0265 0.0108  44 GLU A CG  
341 C CD  . GLU A 44 ? 0.4385 0.3686 0.4391 0.0727  0.0033  -0.0088 44 GLU A CD  
342 O OE1 . GLU A 44 ? 0.5285 0.3992 0.4456 0.0381  0.0333  -0.0189 44 GLU A OE1 
343 O OE2 . GLU A 44 ? 0.4798 0.3901 0.4544 0.0812  0.0139  0.0000  44 GLU A OE2 
344 N N   . VAL A 45 ? 0.2576 0.1938 0.1771 0.0305  -0.0086 -0.0136 45 VAL A N   
345 C CA  . VAL A 45 ? 0.2687 0.1724 0.1787 0.0146  -0.0164 -0.0099 45 VAL A CA  
346 C C   . VAL A 45 ? 0.2627 0.1626 0.1787 -0.0187 -0.0298 0.0244  45 VAL A C   
347 O O   . VAL A 45 ? 0.2774 0.2032 0.1963 -0.0222 -0.0217 0.0171  45 VAL A O   
348 C CB  . VAL A 45 ? 0.2723 0.1955 0.1902 0.0544  -0.0017 0.0042  45 VAL A CB  
349 C CG1 . VAL A 45 ? 0.2986 0.2129 0.1805 0.0811  -0.0090 -0.0440 45 VAL A CG1 
350 C CG2 . VAL A 45 ? 0.3053 0.2339 0.1891 0.0225  -0.0320 0.0705  45 VAL A CG2 
351 N N   . LYS A 46 ? 0.2849 0.1541 0.1986 0.0300  -0.0222 0.0176  46 LYS A N   
352 C CA  . LYS A 46 ? 0.2835 0.1332 0.2218 0.0207  -0.0265 0.0175  46 LYS A CA  
353 C C   . LYS A 46 ? 0.2198 0.1495 0.1664 -0.0072 -0.0529 0.0427  46 LYS A C   
354 O O   . LYS A 46 ? 0.2295 0.1809 0.1802 -0.0176 -0.0244 0.0121  46 LYS A O   
355 C CB  . LYS A 46 ? 0.3674 0.1487 0.3000 -0.0152 -0.0063 0.0138  46 LYS A CB  
356 C CG  . LYS A 46 ? 0.3960 0.1902 0.3679 0.0405  -0.0145 0.0385  46 LYS A CG  
357 C CD  . LYS A 46 ? 0.4379 0.2697 0.4208 0.0471  -0.0025 0.0037  46 LYS A CD  
358 C CE  . LYS A 46 ? 0.4485 0.3486 0.4532 0.1058  -0.0139 -0.0272 46 LYS A CE  
359 N NZ  . LYS A 46 ? 0.4458 0.4626 0.4945 0.0433  -0.0113 -0.0185 46 LYS A NZ  
360 N N   . LYS A 47 ? 0.2309 0.1849 0.1921 -0.0157 -0.0385 0.0462  47 LYS A N   
361 C CA  . LYS A 47 ? 0.2272 0.1984 0.2204 -0.0096 -0.0519 0.0537  47 LYS A CA  
362 C C   . LYS A 47 ? 0.2646 0.1427 0.1980 -0.0310 -0.0435 0.0068  47 LYS A C   
363 O O   . LYS A 47 ? 0.2619 0.1649 0.2355 -0.0231 -0.0820 0.0423  47 LYS A O   
364 C CB  . LYS A 47 ? 0.2337 0.3620 0.3146 -0.0283 -0.0611 0.0490  47 LYS A CB  
365 C CG  . LYS A 47 ? 0.2841 0.4419 0.3190 -0.0475 -0.0422 0.0664  47 LYS A CG  
366 C CD  . LYS A 47 ? 0.3942 0.4762 0.3320 -0.0767 -0.0424 0.0775  47 LYS A CD  
367 C CE  . LYS A 47 ? 0.4073 0.5088 0.3222 -0.0990 -0.0477 0.1185  47 LYS A CE  
368 N NZ  . LYS A 47 ? 0.4320 0.4991 0.2966 -0.0944 -0.0519 0.1519  47 LYS A NZ  
369 N N   . VAL A 48 ? 0.2511 0.1747 0.2275 -0.0193 -0.1047 0.0436  48 VAL A N   
370 C CA  . VAL A 48 ? 0.2781 0.2192 0.2569 -0.0963 -0.0988 0.0699  48 VAL A CA  
371 C C   . VAL A 48 ? 0.3039 0.2293 0.3140 -0.0799 -0.1332 0.1252  48 VAL A C   
372 O O   . VAL A 48 ? 0.3059 0.3486 0.3309 -0.0929 -0.1152 0.1320  48 VAL A O   
373 C CB  . VAL A 48 ? 0.2679 0.2213 0.2397 -0.0561 -0.0990 0.0761  48 VAL A CB  
374 C CG1 . VAL A 48 ? 0.2784 0.2959 0.2126 -0.0910 -0.0993 0.0966  48 VAL A CG1 
375 C CG2 . VAL A 48 ? 0.2623 0.2074 0.2554 -0.0279 -0.0803 0.0715  48 VAL A CG2 
376 O OXT . VAL A 48 ? 0.3815 0.2638 0.3385 -0.0922 -0.1329 0.0946  48 VAL A OXT 
# 
